data_7F35
#
_entry.id   7F35
#
_cell.length_a   184.071
_cell.length_b   184.071
_cell.length_c   100.660
_cell.angle_alpha   90.000
_cell.angle_beta   90.000
_cell.angle_gamma   90.000
#
_symmetry.space_group_name_H-M   'P 42 21 2'
#
loop_
_entity.id
_entity.type
_entity.pdbx_description
1 polymer 'Antibody Fab fragment light chain'
2 polymer 'Antibody Fab fragment heavy chain'
3 non-polymer '1-cyclopropyl-6-fluoro-8-methoxy-7-[(3S)-3-methylpiperazin-1-yl]-4-oxo-1,4-dihydroquinoline-3-carboxylic acid'
4 non-polymer 1,2-ETHANEDIOL
5 non-polymer 'SODIUM ION'
6 non-polymer 'SULFATE ION'
7 non-polymer GLYCEROL
8 non-polymer 'CHLORIDE ION'
9 non-polymer 'CITRIC ACID'
10 water water
#
loop_
_entity_poly.entity_id
_entity_poly.type
_entity_poly.pdbx_seq_one_letter_code
_entity_poly.pdbx_strand_id
1 'polypeptide(L)'
;DIVLTQSPASLAVSLGQRATISCRTSETIDSYGNSFMHWYQQKPGQPPKLLIYRASNLKSGIPARFSGSGSRTDFTLTIN
PVEADDVATYYCQQTNEVMYTFGGGTKLEIKRADAAPTVSIFPPSSEQLTSGGASVVCFLNNFYPKDINVKWKIDGSERQ
NGVLNSWTDQDSKDSTYSMSSTLTLTKDEYERHNSYTCEATHKTSTSPIVKSFNRNEC
;
A,C,E
2 'polypeptide(L)'
;EIQLQQSGPELVKPGTSVKVSCKASGYALTSYTMYWVKQSHGKSLEWIGYIDPYNGGTSYNQKFKGKATLTVDKSSSTAY
MHLNSLTSEDSAVYYCAGWNRYDEDWGQGTTLTVSSAKTTPPSVYPLAPGSAAQTNSMVTLGCLVKGYFPEPVTVTWNSG
SLSSGVHTFPAVLQSDLYTLSSSVTVPSSTWPSETVTCNVAHPASSTKVDKKIVPRDC
;
B,D,F
#
# COMPACT_ATOMS: atom_id res chain seq x y z
N ASP A 1 -12.01 -25.67 -29.22
CA ASP A 1 -11.15 -26.06 -28.12
C ASP A 1 -11.25 -25.08 -26.95
N ILE A 2 -10.87 -25.55 -25.77
CA ILE A 2 -10.99 -24.74 -24.57
C ILE A 2 -9.72 -23.90 -24.41
N VAL A 3 -9.89 -22.58 -24.39
CA VAL A 3 -8.79 -21.64 -24.18
C VAL A 3 -9.01 -20.91 -22.87
N LEU A 4 -7.98 -20.85 -22.03
CA LEU A 4 -8.04 -20.14 -20.75
C LEU A 4 -7.08 -18.96 -20.81
N THR A 5 -7.60 -17.79 -20.47
CA THR A 5 -6.80 -16.56 -20.53
C THR A 5 -6.74 -16.03 -19.12
N GLN A 6 -5.53 -15.97 -18.58
CA GLN A 6 -5.25 -15.60 -17.21
C GLN A 6 -4.73 -14.17 -17.16
N SER A 7 -5.17 -13.39 -16.16
CA SER A 7 -4.66 -12.03 -15.99
C SER A 7 -4.56 -11.68 -14.51
N PRO A 8 -3.54 -10.91 -14.12
CA PRO A 8 -2.46 -10.39 -14.97
C PRO A 8 -1.41 -11.45 -15.19
N ALA A 9 -0.43 -11.22 -16.05
CA ALA A 9 0.65 -12.17 -16.19
C ALA A 9 1.51 -12.25 -14.93
N SER A 10 1.75 -11.11 -14.28
CA SER A 10 2.51 -11.04 -13.04
C SER A 10 1.82 -10.06 -12.11
N LEU A 11 2.04 -10.22 -10.81
CA LEU A 11 1.36 -9.37 -9.84
C LEU A 11 2.34 -9.03 -8.73
N ALA A 12 2.51 -7.75 -8.44
CA ALA A 12 3.35 -7.32 -7.33
C ALA A 12 2.42 -6.85 -6.24
N VAL A 13 2.55 -7.46 -5.08
CA VAL A 13 1.56 -7.29 -4.02
C VAL A 13 2.30 -7.14 -2.70
N SER A 14 1.75 -6.29 -1.82
CA SER A 14 2.31 -6.09 -0.49
C SER A 14 1.75 -7.14 0.47
N LEU A 15 2.54 -7.50 1.47
CA LEU A 15 2.06 -8.41 2.50
C LEU A 15 0.80 -7.86 3.16
N GLY A 16 -0.04 -8.77 3.63
CA GLY A 16 -1.24 -8.39 4.34
C GLY A 16 -2.37 -7.93 3.45
N GLN A 17 -2.09 -7.75 2.17
CA GLN A 17 -3.02 -7.16 1.22
C GLN A 17 -3.89 -8.25 0.59
N ARG A 18 -4.89 -7.80 -0.15
CA ARG A 18 -5.82 -8.66 -0.85
C ARG A 18 -5.47 -8.69 -2.34
N ALA A 19 -5.08 -9.85 -2.84
CA ALA A 19 -4.72 -10.03 -4.25
C ALA A 19 -5.71 -10.96 -4.96
N THR A 20 -6.12 -10.58 -6.17
CA THR A 20 -7.08 -11.33 -6.95
C THR A 20 -6.52 -11.60 -8.34
N ILE A 21 -6.66 -12.84 -8.79
CA ILE A 21 -6.20 -13.33 -10.07
C ILE A 21 -7.43 -13.75 -10.87
N SER A 22 -7.44 -13.50 -12.17
CA SER A 22 -8.57 -13.82 -13.02
C SER A 22 -8.21 -14.86 -14.07
N CYS A 23 -9.22 -15.63 -14.46
CA CYS A 23 -9.08 -16.60 -15.54
C CYS A 23 -10.39 -16.60 -16.34
N ARG A 24 -10.31 -16.26 -17.63
CA ARG A 24 -11.47 -16.32 -18.50
C ARG A 24 -11.34 -17.51 -19.43
N THR A 25 -12.46 -18.18 -19.67
CA THR A 25 -12.51 -19.37 -20.50
C THR A 25 -13.42 -19.14 -21.69
N SER A 26 -13.05 -19.72 -22.84
CA SER A 26 -13.91 -19.69 -24.01
C SER A 26 -15.12 -20.62 -23.91
N GLU A 27 -15.05 -21.64 -23.06
CA GLU A 27 -16.10 -22.66 -22.93
C GLU A 27 -16.82 -22.48 -21.58
N THR A 28 -18.00 -21.88 -21.61
CA THR A 28 -18.76 -21.60 -20.40
C THR A 28 -18.96 -22.84 -19.54
N ILE A 29 -18.89 -22.65 -18.23
CA ILE A 29 -19.16 -23.70 -17.25
C ILE A 29 -20.45 -23.37 -16.55
N ASP A 30 -21.46 -24.22 -16.68
CA ASP A 30 -22.61 -24.04 -15.81
C ASP A 30 -22.32 -24.70 -14.47
N SER A 31 -23.26 -24.55 -13.55
CA SER A 31 -23.07 -25.07 -12.20
C SER A 31 -23.18 -26.60 -12.22
N TYR A 32 -24.11 -27.11 -13.00
CA TYR A 32 -24.00 -28.45 -13.56
C TYR A 32 -23.27 -28.27 -14.90
N GLY A 33 -22.02 -28.71 -14.96
CA GLY A 33 -21.19 -28.43 -16.12
C GLY A 33 -20.34 -29.63 -16.47
N ASN A 34 -20.27 -29.88 -17.78
CA ASN A 34 -19.26 -30.80 -18.32
C ASN A 34 -17.88 -30.50 -17.75
N SER A 35 -17.55 -29.24 -17.55
CA SER A 35 -16.20 -28.91 -17.13
C SER A 35 -16.12 -28.63 -15.62
N PHE A 36 -14.87 -28.59 -15.12
CA PHE A 36 -14.54 -28.08 -13.79
C PHE A 36 -13.53 -26.94 -13.95
N MET A 37 -13.44 -26.09 -12.92
CA MET A 37 -12.46 -25.02 -12.87
C MET A 37 -11.72 -25.10 -11.54
N HIS A 38 -10.41 -25.16 -11.57
CA HIS A 38 -9.67 -25.27 -10.33
C HIS A 38 -8.41 -24.41 -10.40
N TRP A 39 -7.88 -24.09 -9.22
CA TRP A 39 -6.72 -23.23 -9.08
C TRP A 39 -5.56 -24.00 -8.48
N TYR A 40 -4.35 -23.73 -9.02
CA TYR A 40 -3.10 -24.33 -8.57
C TYR A 40 -2.08 -23.27 -8.20
N GLN A 41 -1.25 -23.61 -7.21
CA GLN A 41 -0.11 -22.80 -6.80
C GLN A 41 1.15 -23.59 -7.06
N GLN A 42 2.11 -23.01 -7.76
CA GLN A 42 3.37 -23.72 -8.02
C GLN A 42 4.58 -22.93 -7.53
N LYS A 43 5.32 -23.52 -6.60
CA LYS A 43 6.58 -22.90 -6.23
C LYS A 43 7.71 -23.53 -7.04
N PRO A 44 8.72 -22.74 -7.42
CA PRO A 44 9.77 -23.26 -8.32
C PRO A 44 10.38 -24.57 -7.83
N GLY A 45 10.54 -25.50 -8.77
CA GLY A 45 11.07 -26.80 -8.44
C GLY A 45 10.12 -27.71 -7.71
N GLN A 46 8.83 -27.46 -7.78
CA GLN A 46 7.83 -28.23 -7.05
C GLN A 46 6.62 -28.52 -7.92
N PRO A 47 5.87 -29.56 -7.60
CA PRO A 47 4.62 -29.80 -8.31
C PRO A 47 3.63 -28.70 -8.02
N PRO A 48 2.71 -28.43 -8.94
CA PRO A 48 1.57 -27.58 -8.59
C PRO A 48 0.80 -28.22 -7.45
N LYS A 49 0.25 -27.37 -6.59
CA LYS A 49 -0.52 -27.78 -5.44
C LYS A 49 -1.95 -27.26 -5.60
N LEU A 50 -2.93 -28.15 -5.48
CA LEU A 50 -4.34 -27.79 -5.59
C LEU A 50 -4.74 -26.85 -4.45
N LEU A 51 -5.46 -25.78 -4.78
CA LEU A 51 -5.85 -24.77 -3.80
C LEU A 51 -7.32 -24.85 -3.44
N ILE A 52 -7.69 -24.04 -2.44
CA ILE A 52 -9.05 -23.77 -1.96
C ILE A 52 -9.66 -24.95 -1.22
N TYR A 53 -9.33 -26.17 -1.59
CA TYR A 53 -10.05 -27.30 -0.99
C TYR A 53 -9.21 -28.11 -0.02
N PRO A 63 -12.41 -20.69 7.29
CA PRO A 63 -11.93 -19.35 6.91
C PRO A 63 -10.57 -19.40 6.19
N ALA A 64 -10.56 -19.83 4.94
CA ALA A 64 -9.27 -19.98 4.28
C ALA A 64 -8.73 -18.64 3.80
N ARG A 65 -7.42 -18.60 3.57
CA ARG A 65 -6.81 -17.44 2.94
C ARG A 65 -7.04 -17.40 1.43
N PHE A 66 -7.21 -18.57 0.79
CA PHE A 66 -7.48 -18.65 -0.65
C PHE A 66 -8.95 -18.95 -0.87
N SER A 67 -9.59 -18.20 -1.75
CA SER A 67 -10.99 -18.44 -2.03
C SER A 67 -11.25 -18.15 -3.50
N GLY A 68 -12.24 -18.86 -4.04
CA GLY A 68 -12.60 -18.80 -5.44
C GLY A 68 -13.96 -18.16 -5.62
N SER A 69 -14.13 -17.50 -6.76
CA SER A 69 -15.40 -16.91 -7.11
C SER A 69 -15.54 -17.00 -8.62
N GLY A 70 -16.67 -16.52 -9.08
CA GLY A 70 -17.02 -16.51 -10.48
C GLY A 70 -17.54 -17.84 -10.98
N SER A 71 -18.46 -17.73 -11.93
CA SER A 71 -19.01 -18.88 -12.61
C SER A 71 -19.12 -18.51 -14.10
N ARG A 72 -19.51 -19.49 -14.91
CA ARG A 72 -19.71 -19.26 -16.32
C ARG A 72 -18.37 -19.00 -17.03
N THR A 73 -18.03 -17.75 -17.38
CA THR A 73 -16.80 -17.55 -18.14
C THR A 73 -15.65 -16.93 -17.37
N ASP A 74 -15.92 -16.19 -16.30
CA ASP A 74 -14.89 -15.43 -15.59
C ASP A 74 -14.73 -15.97 -14.16
N PHE A 75 -13.52 -16.38 -13.81
CA PHE A 75 -13.22 -16.99 -12.52
C PHE A 75 -12.10 -16.23 -11.85
N THR A 76 -12.22 -16.02 -10.54
CA THR A 76 -11.24 -15.24 -9.81
C THR A 76 -10.72 -16.05 -8.63
N LEU A 77 -9.44 -15.92 -8.36
CA LEU A 77 -8.81 -16.41 -7.15
C LEU A 77 -8.42 -15.20 -6.32
N THR A 78 -8.79 -15.21 -5.03
CA THR A 78 -8.47 -14.13 -4.12
C THR A 78 -7.59 -14.67 -3.01
N ILE A 79 -6.51 -13.95 -2.71
CA ILE A 79 -5.65 -14.24 -1.57
C ILE A 79 -5.79 -13.11 -0.56
N ASN A 80 -6.18 -13.46 0.66
CA ASN A 80 -6.45 -12.48 1.69
C ASN A 80 -6.18 -13.09 3.06
N PRO A 81 -5.23 -12.57 3.83
CA PRO A 81 -4.24 -11.57 3.42
C PRO A 81 -3.10 -12.24 2.69
N VAL A 82 -2.41 -11.52 1.80
CA VAL A 82 -1.23 -12.09 1.17
C VAL A 82 -0.15 -12.29 2.23
N GLU A 83 0.49 -13.45 2.22
CA GLU A 83 1.59 -13.75 3.13
C GLU A 83 2.85 -14.08 2.35
N ALA A 84 3.97 -14.14 3.08
CA ALA A 84 5.28 -14.20 2.44
C ALA A 84 5.48 -15.47 1.63
N ASP A 85 5.03 -16.61 2.12
CA ASP A 85 5.30 -17.81 1.35
C ASP A 85 4.27 -18.06 0.25
N ASP A 86 3.47 -17.06 -0.10
CA ASP A 86 2.60 -17.19 -1.24
C ASP A 86 3.33 -16.84 -2.54
N VAL A 87 4.63 -16.52 -2.46
CA VAL A 87 5.37 -16.27 -3.68
C VAL A 87 5.41 -17.56 -4.49
N ALA A 88 4.83 -17.52 -5.68
CA ALA A 88 4.63 -18.71 -6.50
C ALA A 88 4.01 -18.26 -7.82
N THR A 89 3.94 -19.20 -8.76
CA THR A 89 3.11 -18.99 -9.94
C THR A 89 1.77 -19.71 -9.76
N TYR A 90 0.70 -19.05 -10.16
CA TYR A 90 -0.64 -19.55 -9.95
C TYR A 90 -1.29 -19.91 -11.29
N TYR A 91 -1.92 -21.08 -11.37
CA TYR A 91 -2.55 -21.52 -12.62
C TYR A 91 -4.02 -21.86 -12.44
N CYS A 92 -4.87 -21.45 -13.37
CA CYS A 92 -6.21 -22.03 -13.40
C CYS A 92 -6.15 -23.25 -14.31
N GLN A 93 -7.02 -24.19 -14.03
CA GLN A 93 -7.12 -25.37 -14.86
C GLN A 93 -8.58 -25.70 -15.07
N GLN A 94 -8.95 -25.92 -16.32
CA GLN A 94 -10.29 -26.37 -16.69
C GLN A 94 -10.21 -27.83 -17.04
N THR A 95 -11.15 -28.60 -16.52
CA THR A 95 -11.11 -30.05 -16.64
C THR A 95 -12.33 -30.44 -17.42
N ASN A 96 -12.12 -31.25 -18.46
CA ASN A 96 -13.24 -31.58 -19.31
C ASN A 96 -12.96 -32.96 -19.91
N GLU A 97 -14.01 -33.65 -20.31
CA GLU A 97 -13.80 -34.98 -20.86
C GLU A 97 -12.94 -34.97 -22.13
N VAL A 98 -13.04 -33.94 -22.97
CA VAL A 98 -12.30 -34.00 -24.23
C VAL A 98 -10.89 -33.44 -24.06
N MET A 99 -10.68 -32.41 -23.25
CA MET A 99 -9.31 -31.93 -23.01
C MET A 99 -9.24 -31.31 -21.64
N TYR A 100 -8.03 -31.28 -21.08
CA TYR A 100 -7.72 -30.44 -19.93
C TYR A 100 -6.84 -29.30 -20.41
N THR A 101 -6.99 -28.12 -19.83
CA THR A 101 -6.04 -27.09 -20.19
C THR A 101 -5.70 -26.22 -18.98
N PHE A 102 -4.53 -25.61 -19.02
CA PHE A 102 -4.11 -24.68 -17.98
C PHE A 102 -4.09 -23.27 -18.54
N GLY A 103 -4.26 -22.26 -17.67
CA GLY A 103 -3.96 -20.89 -18.04
C GLY A 103 -2.46 -20.66 -18.15
N GLY A 104 -2.09 -19.48 -18.63
CA GLY A 104 -0.69 -19.16 -18.82
C GLY A 104 0.12 -18.96 -17.55
N GLY A 105 -0.55 -18.80 -16.42
CA GLY A 105 0.11 -18.59 -15.15
C GLY A 105 0.15 -17.11 -14.77
N THR A 106 0.13 -16.86 -13.46
CA THR A 106 0.30 -15.52 -12.91
C THR A 106 1.39 -15.61 -11.87
N LYS A 107 2.50 -14.91 -12.12
CA LYS A 107 3.61 -14.85 -11.19
C LYS A 107 3.31 -13.81 -10.11
N LEU A 108 3.34 -14.23 -8.84
CA LEU A 108 3.02 -13.37 -7.72
C LEU A 108 4.33 -12.90 -7.07
N GLU A 109 4.59 -11.60 -7.14
CA GLU A 109 5.76 -11.00 -6.51
C GLU A 109 5.35 -10.28 -5.23
N ILE A 110 6.21 -10.34 -4.22
CA ILE A 110 5.99 -9.64 -2.95
C ILE A 110 6.74 -8.31 -2.95
N LYS A 111 6.05 -7.25 -2.53
CA LYS A 111 6.67 -5.95 -2.25
C LYS A 111 7.15 -5.91 -0.81
N ARG A 112 8.38 -5.47 -0.61
CA ARG A 112 8.95 -5.31 0.73
C ARG A 112 9.80 -4.04 0.75
N ALA A 113 10.30 -3.68 1.92
CA ALA A 113 11.27 -2.59 2.06
C ALA A 113 12.63 -2.96 1.46
N ASP A 114 13.36 -1.95 1.00
CA ASP A 114 14.71 -2.15 0.49
C ASP A 114 15.58 -2.87 1.51
N ALA A 115 16.55 -3.63 1.00
CA ALA A 115 17.47 -4.37 1.86
C ALA A 115 18.85 -4.41 1.20
N ALA A 116 19.87 -4.48 2.04
CA ALA A 116 21.22 -4.45 1.52
C ALA A 116 21.82 -5.85 1.54
N PRO A 117 22.60 -6.18 0.53
CA PRO A 117 23.14 -7.55 0.45
C PRO A 117 24.16 -7.86 1.53
N THR A 118 24.06 -9.07 2.08
CA THR A 118 25.11 -9.64 2.93
C THR A 118 26.14 -10.28 2.01
N VAL A 119 27.21 -9.54 1.73
CA VAL A 119 28.25 -10.01 0.81
C VAL A 119 29.23 -10.92 1.54
N SER A 120 29.76 -11.87 0.79
CA SER A 120 30.80 -12.78 1.23
C SER A 120 31.65 -13.07 0.01
N ILE A 121 32.95 -13.27 0.21
CA ILE A 121 33.84 -13.64 -0.88
C ILE A 121 34.77 -14.73 -0.38
N PHE A 122 35.07 -15.68 -1.27
CA PHE A 122 35.82 -16.90 -1.02
C PHE A 122 36.89 -17.09 -2.08
N PRO A 123 38.09 -17.49 -1.69
CA PRO A 123 39.17 -17.73 -2.65
C PRO A 123 39.10 -19.13 -3.23
N PRO A 124 39.79 -19.39 -4.33
CA PRO A 124 39.82 -20.76 -4.87
C PRO A 124 40.27 -21.73 -3.80
N SER A 125 39.72 -22.93 -3.82
CA SER A 125 40.08 -23.92 -2.82
C SER A 125 41.36 -24.64 -3.24
N SER A 126 42.03 -25.23 -2.24
CA SER A 126 43.24 -26.00 -2.54
C SER A 126 42.93 -27.12 -3.53
N GLU A 127 41.78 -27.77 -3.38
CA GLU A 127 41.34 -28.78 -4.33
C GLU A 127 41.27 -28.24 -5.75
N GLN A 128 40.60 -27.10 -5.93
CA GLN A 128 40.46 -26.58 -7.28
C GLN A 128 41.79 -26.09 -7.83
N LEU A 129 42.67 -25.57 -6.97
CA LEU A 129 43.99 -25.15 -7.42
C LEU A 129 44.82 -26.35 -7.86
N THR A 130 44.73 -27.47 -7.14
CA THR A 130 45.41 -28.69 -7.58
C THR A 130 44.98 -29.06 -8.99
N SER A 131 43.67 -28.98 -9.25
CA SER A 131 43.09 -29.30 -10.55
C SER A 131 43.70 -28.46 -11.67
N GLY A 132 44.05 -27.21 -11.39
CA GLY A 132 44.58 -26.32 -12.40
C GLY A 132 43.61 -25.25 -12.86
N GLY A 133 42.50 -25.02 -12.14
CA GLY A 133 41.61 -23.92 -12.38
C GLY A 133 41.45 -23.09 -11.12
N ALA A 134 40.84 -21.92 -11.29
CA ALA A 134 40.67 -20.98 -10.18
C ALA A 134 39.32 -20.29 -10.28
N SER A 135 38.49 -20.42 -9.25
CA SER A 135 37.16 -19.82 -9.24
C SER A 135 37.01 -19.00 -7.97
N VAL A 136 36.72 -17.72 -8.12
CA VAL A 136 36.50 -16.83 -6.99
C VAL A 136 35.00 -16.61 -6.87
N VAL A 137 34.43 -16.94 -5.71
CA VAL A 137 32.99 -17.00 -5.52
C VAL A 137 32.57 -15.88 -4.57
N CYS A 138 31.48 -15.20 -4.91
CA CYS A 138 30.96 -14.11 -4.10
C CYS A 138 29.45 -14.25 -3.95
N PHE A 139 28.97 -14.36 -2.71
CA PHE A 139 27.54 -14.43 -2.41
C PHE A 139 27.02 -13.06 -1.98
N LEU A 140 25.88 -12.65 -2.56
CA LEU A 140 25.19 -11.41 -2.19
C LEU A 140 23.80 -11.84 -1.71
N ASN A 141 23.65 -12.06 -0.41
CA ASN A 141 22.48 -12.74 0.11
C ASN A 141 21.47 -11.79 0.72
N ASN A 142 20.18 -12.10 0.54
CA ASN A 142 19.05 -11.48 1.23
C ASN A 142 18.96 -9.97 1.00
N PHE A 143 18.96 -9.57 -0.26
CA PHE A 143 18.75 -8.20 -0.66
C PHE A 143 17.41 -8.06 -1.38
N TYR A 144 16.92 -6.81 -1.44
CA TYR A 144 15.73 -6.42 -2.19
C TYR A 144 16.03 -5.00 -2.67
N PRO A 145 15.63 -4.63 -3.89
CA PRO A 145 14.92 -5.36 -4.96
C PRO A 145 15.78 -6.34 -5.74
N LYS A 146 15.18 -7.14 -6.63
CA LYS A 146 15.94 -8.14 -7.38
C LYS A 146 17.07 -7.51 -8.20
N ASP A 147 16.79 -6.39 -8.84
CA ASP A 147 17.75 -5.84 -9.79
C ASP A 147 18.97 -5.30 -9.05
N ILE A 148 20.11 -5.93 -9.29
CA ILE A 148 21.35 -5.53 -8.65
C ILE A 148 22.48 -5.69 -9.65
N ASN A 149 23.36 -4.71 -9.72
CA ASN A 149 24.53 -4.82 -10.58
C ASN A 149 25.72 -5.08 -9.68
N VAL A 150 26.62 -5.93 -10.16
CA VAL A 150 27.82 -6.27 -9.42
C VAL A 150 29.01 -6.20 -10.36
N LYS A 151 30.11 -5.63 -9.86
CA LYS A 151 31.35 -5.51 -10.60
C LYS A 151 32.44 -5.98 -9.67
N TRP A 152 33.54 -6.45 -10.24
CA TRP A 152 34.70 -6.68 -9.39
C TRP A 152 35.98 -6.35 -10.10
N LYS A 153 36.99 -6.07 -9.29
CA LYS A 153 38.29 -5.68 -9.79
C LYS A 153 39.35 -6.57 -9.16
N ILE A 154 40.33 -6.97 -9.98
CA ILE A 154 41.51 -7.71 -9.53
C ILE A 154 42.68 -6.74 -9.43
N ASP A 155 43.27 -6.64 -8.23
CA ASP A 155 44.09 -5.51 -7.80
C ASP A 155 43.72 -4.21 -8.50
N GLY A 156 42.47 -3.78 -8.31
CA GLY A 156 42.00 -2.52 -8.84
C GLY A 156 41.58 -2.53 -10.29
N SER A 157 41.89 -3.60 -11.03
CA SER A 157 41.57 -3.69 -12.45
C SER A 157 40.25 -4.44 -12.64
N GLU A 158 39.29 -3.77 -13.27
CA GLU A 158 37.98 -4.38 -13.48
C GLU A 158 38.09 -5.52 -14.50
N ARG A 159 37.39 -6.61 -14.22
CA ARG A 159 37.35 -7.74 -15.13
C ARG A 159 35.92 -8.05 -15.52
N GLN A 160 35.67 -8.11 -16.83
CA GLN A 160 34.39 -8.52 -17.39
C GLN A 160 34.40 -9.93 -17.93
N ASN A 161 35.49 -10.67 -17.77
CA ASN A 161 35.64 -11.97 -18.40
C ASN A 161 35.69 -13.06 -17.34
N GLY A 162 34.89 -14.09 -17.56
CA GLY A 162 34.83 -15.30 -16.76
C GLY A 162 34.05 -15.11 -15.47
N VAL A 163 32.89 -14.47 -15.57
CA VAL A 163 32.04 -14.17 -14.43
C VAL A 163 30.72 -14.90 -14.64
N LEU A 164 30.22 -15.51 -13.57
CA LEU A 164 29.00 -16.30 -13.56
C LEU A 164 27.99 -15.71 -12.61
N ASN A 165 26.87 -15.22 -13.13
CA ASN A 165 25.84 -14.68 -12.25
C ASN A 165 24.62 -15.59 -12.25
N SER A 166 23.98 -15.68 -11.10
CA SER A 166 22.84 -16.57 -10.88
C SER A 166 22.00 -16.00 -9.75
N TRP A 167 20.72 -15.76 -10.00
CA TRP A 167 19.78 -15.24 -9.01
C TRP A 167 18.89 -16.35 -8.47
N THR A 168 18.57 -16.27 -7.18
CA THR A 168 17.58 -17.17 -6.66
C THR A 168 16.19 -16.65 -6.96
N ASP A 169 15.18 -17.46 -6.61
CA ASP A 169 13.81 -16.98 -6.57
C ASP A 169 13.59 -16.21 -5.28
N GLN A 170 12.55 -15.38 -5.28
CA GLN A 170 12.20 -14.63 -4.08
C GLN A 170 12.05 -15.59 -2.91
N ASP A 171 12.63 -15.21 -1.76
CA ASP A 171 12.63 -16.09 -0.60
C ASP A 171 11.21 -16.24 -0.05
N SER A 172 10.91 -17.44 0.43
CA SER A 172 9.57 -17.74 0.90
C SER A 172 9.29 -17.16 2.27
N LYS A 173 10.34 -16.79 3.02
CA LYS A 173 10.22 -16.30 4.38
C LYS A 173 10.43 -14.80 4.51
N ASP A 174 11.51 -14.24 3.97
CA ASP A 174 11.79 -12.82 4.12
C ASP A 174 11.56 -12.00 2.84
N SER A 175 11.15 -12.65 1.76
CA SER A 175 10.82 -11.98 0.50
C SER A 175 12.02 -11.26 -0.11
N THR A 176 13.23 -11.70 0.19
CA THR A 176 14.45 -11.12 -0.35
C THR A 176 15.03 -12.01 -1.43
N TYR A 177 15.79 -11.41 -2.34
CA TYR A 177 16.53 -12.16 -3.33
C TYR A 177 17.97 -12.37 -2.89
N SER A 178 18.60 -13.38 -3.45
CA SER A 178 20.02 -13.61 -3.26
C SER A 178 20.66 -13.87 -4.61
N MET A 179 21.98 -13.78 -4.64
CA MET A 179 22.66 -13.87 -5.92
C MET A 179 24.07 -14.40 -5.69
N SER A 180 24.58 -15.09 -6.71
CA SER A 180 25.89 -15.73 -6.65
C SER A 180 26.69 -15.36 -7.89
N SER A 181 27.81 -14.68 -7.69
CA SER A 181 28.72 -14.32 -8.77
C SER A 181 30.00 -15.15 -8.67
N THR A 182 30.45 -15.69 -9.80
CA THR A 182 31.60 -16.57 -9.83
C THR A 182 32.53 -16.11 -10.93
N LEU A 183 33.78 -15.79 -10.56
CA LEU A 183 34.81 -15.39 -11.52
C LEU A 183 35.79 -16.55 -11.73
N THR A 184 35.89 -17.05 -12.95
CA THR A 184 36.74 -18.21 -13.25
C THR A 184 37.92 -17.81 -14.13
N LEU A 185 39.12 -18.08 -13.65
CA LEU A 185 40.36 -17.86 -14.40
C LEU A 185 41.17 -19.16 -14.32
N THR A 186 42.08 -19.36 -15.28
CA THR A 186 42.94 -20.55 -15.18
C THR A 186 43.80 -20.42 -13.94
N LYS A 187 44.32 -21.57 -13.50
CA LYS A 187 45.23 -21.58 -12.36
C LYS A 187 46.32 -20.54 -12.53
N ASP A 188 47.02 -20.61 -13.66
CA ASP A 188 48.20 -19.76 -13.82
C ASP A 188 47.84 -18.28 -13.89
N GLU A 189 46.70 -17.92 -14.49
CA GLU A 189 46.34 -16.50 -14.52
C GLU A 189 46.04 -15.98 -13.13
N TYR A 190 45.55 -16.85 -12.24
CA TYR A 190 45.17 -16.45 -10.89
C TYR A 190 46.39 -16.11 -10.04
N GLU A 191 47.49 -16.83 -10.24
CA GLU A 191 48.67 -16.61 -9.42
C GLU A 191 49.26 -15.21 -9.62
N ARG A 192 49.08 -14.62 -10.79
CA ARG A 192 49.79 -13.38 -11.12
C ARG A 192 49.43 -12.26 -10.15
N HIS A 193 48.18 -12.16 -9.74
CA HIS A 193 47.68 -11.05 -8.96
C HIS A 193 47.38 -11.48 -7.53
N ASN A 194 47.11 -10.47 -6.67
CA ASN A 194 46.86 -10.73 -5.26
C ASN A 194 45.58 -10.13 -4.71
N SER A 195 45.07 -9.00 -5.23
CA SER A 195 43.95 -8.30 -4.62
C SER A 195 42.67 -8.48 -5.43
N TYR A 196 41.67 -9.11 -4.81
CA TYR A 196 40.36 -9.36 -5.42
C TYR A 196 39.28 -8.74 -4.54
N THR A 197 38.37 -8.00 -5.16
CA THR A 197 37.31 -7.28 -4.47
C THR A 197 35.99 -7.58 -5.16
N CYS A 198 34.93 -7.71 -4.37
CA CYS A 198 33.58 -7.95 -4.90
C CYS A 198 32.71 -6.76 -4.52
N GLU A 199 32.14 -6.07 -5.52
CA GLU A 199 31.44 -4.81 -5.32
C GLU A 199 29.96 -4.88 -5.71
N ALA A 200 29.08 -4.44 -4.81
CA ALA A 200 27.65 -4.41 -5.05
C ALA A 200 27.11 -2.98 -5.03
N THR A 201 26.02 -2.75 -5.75
CA THR A 201 25.39 -1.43 -5.84
C THR A 201 23.95 -1.50 -5.34
N HIS A 202 23.46 -0.37 -4.83
CA HIS A 202 22.14 -0.28 -4.19
C HIS A 202 22.02 -1.22 -2.99
N SER A 205 22.56 7.86 0.51
CA SER A 205 23.88 7.27 0.28
C SER A 205 23.78 6.07 -0.64
N THR A 206 24.54 6.11 -1.73
CA THR A 206 24.65 4.96 -2.62
C THR A 206 25.09 3.71 -1.88
N SER A 207 26.10 3.86 -1.00
CA SER A 207 26.67 2.82 -0.14
C SER A 207 27.11 1.58 -0.92
N PRO A 208 28.16 1.66 -1.74
CA PRO A 208 28.65 0.46 -2.41
C PRO A 208 29.29 -0.49 -1.41
N ILE A 209 28.70 -1.68 -1.27
CA ILE A 209 29.25 -2.71 -0.40
C ILE A 209 30.35 -3.43 -1.15
N VAL A 210 31.52 -3.53 -0.54
CA VAL A 210 32.67 -4.14 -1.15
C VAL A 210 33.20 -5.19 -0.19
N LYS A 211 33.58 -6.34 -0.73
CA LYS A 211 34.29 -7.35 0.02
C LYS A 211 35.56 -7.69 -0.73
N SER A 212 36.66 -7.88 0.01
CA SER A 212 37.96 -8.12 -0.60
C SER A 212 38.73 -9.20 0.15
N PHE A 213 39.66 -9.81 -0.57
CA PHE A 213 40.63 -10.73 0.02
C PHE A 213 41.94 -10.57 -0.74
N ASN A 214 43.05 -10.83 -0.05
CA ASN A 214 44.38 -10.63 -0.61
C ASN A 214 45.15 -11.94 -0.68
N ARG A 215 45.79 -12.17 -1.83
CA ARG A 215 46.83 -13.17 -1.98
C ARG A 215 46.31 -14.58 -1.78
N GLU B 1 -6.24 -41.46 0.41
CA GLU B 1 -5.66 -40.71 -0.69
C GLU B 1 -4.71 -41.62 -1.49
N ILE B 2 -3.81 -41.00 -2.26
CA ILE B 2 -2.87 -41.70 -3.14
C ILE B 2 -1.55 -40.93 -3.15
N GLN B 3 -0.43 -41.66 -3.19
CA GLN B 3 0.88 -41.06 -3.39
C GLN B 3 1.50 -41.61 -4.66
N LEU B 4 2.28 -40.75 -5.32
CA LEU B 4 2.80 -41.05 -6.65
C LEU B 4 4.30 -40.85 -6.67
N GLN B 5 5.01 -41.86 -7.16
CA GLN B 5 6.48 -41.82 -7.24
C GLN B 5 6.90 -41.95 -8.70
N GLN B 6 7.50 -40.89 -9.24
CA GLN B 6 7.95 -40.92 -10.62
C GLN B 6 9.37 -41.45 -10.71
N SER B 7 9.70 -42.01 -11.87
CA SER B 7 11.04 -42.50 -12.15
C SER B 7 12.02 -41.32 -12.23
N GLY B 8 13.32 -41.65 -12.22
CA GLY B 8 14.37 -40.66 -12.09
C GLY B 8 14.67 -39.92 -13.39
N PRO B 9 15.59 -38.96 -13.28
CA PRO B 9 15.99 -38.14 -14.43
C PRO B 9 16.62 -38.98 -15.51
N GLU B 10 16.48 -38.53 -16.75
CA GLU B 10 16.99 -39.28 -17.88
C GLU B 10 17.66 -38.36 -18.86
N LEU B 11 18.83 -38.78 -19.34
CA LEU B 11 19.52 -38.16 -20.46
C LEU B 11 19.40 -39.11 -21.63
N VAL B 12 18.89 -38.61 -22.77
CA VAL B 12 18.67 -39.45 -23.94
C VAL B 12 19.13 -38.71 -25.20
N LYS B 13 19.60 -39.51 -26.16
CA LYS B 13 20.03 -38.99 -27.44
C LYS B 13 18.82 -38.58 -28.27
N PRO B 14 18.97 -37.57 -29.13
CA PRO B 14 17.83 -37.18 -30.01
C PRO B 14 17.46 -38.34 -30.91
N GLY B 15 16.17 -38.46 -31.20
CA GLY B 15 15.71 -39.53 -32.06
C GLY B 15 15.41 -40.83 -31.37
N THR B 16 15.57 -40.91 -30.06
CA THR B 16 15.28 -42.15 -29.38
C THR B 16 13.90 -42.05 -28.74
N SER B 17 13.55 -43.06 -27.96
CA SER B 17 12.30 -43.10 -27.21
C SER B 17 12.63 -43.31 -25.75
N VAL B 18 11.72 -42.86 -24.89
CA VAL B 18 11.87 -43.03 -23.45
C VAL B 18 10.50 -43.40 -22.90
N LYS B 19 10.51 -44.20 -21.83
CA LYS B 19 9.29 -44.51 -21.08
C LYS B 19 9.55 -44.11 -19.63
N VAL B 20 8.69 -43.23 -19.11
CA VAL B 20 8.78 -42.75 -17.74
C VAL B 20 7.55 -43.23 -17.01
N SER B 21 7.75 -43.56 -15.74
CA SER B 21 6.74 -44.21 -14.94
C SER B 21 6.34 -43.42 -13.71
N CYS B 22 5.11 -43.72 -13.28
CA CYS B 22 4.50 -43.13 -12.11
C CYS B 22 3.94 -44.29 -11.30
N LYS B 23 4.56 -44.60 -10.17
CA LYS B 23 4.12 -45.72 -9.35
C LYS B 23 3.22 -45.21 -8.25
N ALA B 24 2.03 -45.82 -8.13
CA ALA B 24 0.98 -45.44 -7.21
C ALA B 24 0.82 -46.41 -6.07
N SER B 25 0.45 -45.87 -4.91
CA SER B 25 0.10 -46.61 -3.72
C SER B 25 -1.09 -45.93 -3.06
N GLY B 26 -1.87 -46.69 -2.30
CA GLY B 26 -3.08 -46.23 -1.64
C GLY B 26 -4.32 -46.96 -2.14
N TYR B 27 -5.48 -46.44 -1.70
CA TYR B 27 -6.72 -47.17 -1.92
C TYR B 27 -7.30 -46.86 -3.29
N ALA B 28 -7.88 -47.89 -3.92
CA ALA B 28 -8.68 -47.77 -5.13
C ALA B 28 -7.88 -47.15 -6.28
N LEU B 29 -6.75 -47.76 -6.63
CA LEU B 29 -5.84 -47.21 -7.64
C LEU B 29 -6.47 -47.23 -9.03
N THR B 30 -7.42 -48.14 -9.23
CA THR B 30 -8.18 -48.22 -10.47
C THR B 30 -9.15 -47.05 -10.60
N SER B 31 -9.57 -46.47 -9.48
CA SER B 31 -10.57 -45.40 -9.46
C SER B 31 -10.02 -44.04 -9.90
N TYR B 32 -8.71 -43.85 -9.87
CA TYR B 32 -8.19 -42.55 -10.26
C TYR B 32 -7.98 -42.47 -11.77
N THR B 33 -8.15 -41.27 -12.31
CA THR B 33 -7.76 -40.96 -13.67
C THR B 33 -6.36 -40.38 -13.63
N MET B 34 -5.48 -40.91 -14.45
CA MET B 34 -4.09 -40.49 -14.48
C MET B 34 -3.92 -39.55 -15.65
N TYR B 35 -3.20 -38.45 -15.44
CA TYR B 35 -2.86 -37.59 -16.55
C TYR B 35 -1.42 -37.12 -16.41
N TRP B 36 -0.91 -36.60 -17.51
CA TRP B 36 0.47 -36.17 -17.59
C TRP B 36 0.53 -34.73 -18.06
N VAL B 37 1.53 -34.00 -17.57
CA VAL B 37 1.71 -32.58 -17.83
C VAL B 37 3.18 -32.31 -18.12
N LYS B 38 3.43 -31.48 -19.11
CA LYS B 38 4.78 -31.07 -19.46
C LYS B 38 5.02 -29.64 -19.01
N GLN B 39 6.20 -29.38 -18.47
CA GLN B 39 6.59 -28.00 -18.17
C GLN B 39 8.03 -27.79 -18.60
N SER B 40 8.22 -27.03 -19.68
CA SER B 40 9.56 -26.66 -20.06
C SER B 40 10.08 -25.62 -19.08
N HIS B 41 11.40 -25.58 -18.92
CA HIS B 41 12.05 -24.73 -17.93
C HIS B 41 11.62 -23.28 -18.07
N GLY B 42 11.02 -22.74 -17.01
CA GLY B 42 10.51 -21.38 -17.03
C GLY B 42 9.22 -21.17 -17.80
N LYS B 43 8.57 -22.24 -18.26
CA LYS B 43 7.37 -22.13 -19.06
C LYS B 43 6.15 -22.62 -18.27
N SER B 44 4.98 -22.55 -18.92
CA SER B 44 3.74 -22.88 -18.25
C SER B 44 3.46 -24.36 -18.35
N LEU B 45 2.42 -24.79 -17.64
CA LEU B 45 1.97 -26.19 -17.59
C LEU B 45 1.20 -26.54 -18.85
N GLU B 46 1.51 -27.69 -19.42
CA GLU B 46 0.93 -28.14 -20.68
C GLU B 46 0.36 -29.55 -20.53
N TRP B 47 -0.93 -29.71 -20.79
CA TRP B 47 -1.56 -31.02 -20.66
C TRP B 47 -1.18 -31.91 -21.84
N ILE B 48 -0.68 -33.09 -21.53
CA ILE B 48 -0.32 -34.08 -22.54
C ILE B 48 -1.50 -34.97 -22.88
N GLY B 49 -2.12 -35.56 -21.87
CA GLY B 49 -3.24 -36.45 -22.07
C GLY B 49 -3.60 -37.13 -20.77
N TYR B 50 -4.72 -37.86 -20.80
CA TYR B 50 -5.11 -38.66 -19.66
C TYR B 50 -5.45 -40.09 -20.09
N ILE B 51 -5.46 -40.98 -19.09
CA ILE B 51 -5.92 -42.35 -19.27
C ILE B 51 -6.76 -42.74 -18.07
N ASP B 52 -7.96 -43.22 -18.32
CA ASP B 52 -8.81 -43.76 -17.29
C ASP B 52 -8.53 -45.25 -17.14
N PRO B 53 -7.90 -45.70 -16.05
CA PRO B 53 -7.57 -47.13 -15.93
C PRO B 53 -8.79 -48.02 -15.83
N TYR B 54 -9.96 -47.48 -15.46
CA TYR B 54 -11.14 -48.32 -15.33
C TYR B 54 -11.56 -48.90 -16.67
N ASN B 55 -11.76 -48.06 -17.68
CA ASN B 55 -12.18 -48.54 -19.00
C ASN B 55 -11.08 -48.51 -20.03
N GLY B 56 -9.88 -48.06 -19.67
CA GLY B 56 -8.74 -47.95 -20.56
C GLY B 56 -8.77 -46.76 -21.51
N GLY B 57 -9.82 -45.94 -21.47
CA GLY B 57 -9.93 -44.81 -22.37
C GLY B 57 -8.84 -43.77 -22.15
N THR B 58 -8.49 -43.09 -23.24
CA THR B 58 -7.39 -42.15 -23.27
C THR B 58 -7.82 -40.93 -24.04
N SER B 59 -7.23 -39.79 -23.71
CA SER B 59 -7.43 -38.60 -24.50
C SER B 59 -6.11 -37.82 -24.57
N TYR B 60 -5.73 -37.37 -25.76
CA TYR B 60 -4.45 -36.70 -25.92
C TYR B 60 -4.64 -35.28 -26.42
N ASN B 61 -3.77 -34.39 -25.96
CA ASN B 61 -3.61 -33.09 -26.60
C ASN B 61 -3.10 -33.30 -28.03
N GLN B 62 -3.75 -32.63 -28.98
N GLN B 62 -3.74 -32.64 -29.00
CA GLN B 62 -3.39 -32.79 -30.40
CA GLN B 62 -3.37 -32.88 -30.40
C GLN B 62 -1.90 -32.59 -30.66
C GLN B 62 -1.90 -32.59 -30.67
N LYS B 63 -1.24 -31.78 -29.85
CA LYS B 63 0.19 -31.53 -30.02
C LYS B 63 1.04 -32.75 -29.67
N PHE B 64 0.51 -33.72 -28.94
CA PHE B 64 1.26 -34.91 -28.56
C PHE B 64 0.71 -36.16 -29.23
N LYS B 65 -0.26 -36.02 -30.12
CA LYS B 65 -0.90 -37.19 -30.71
C LYS B 65 0.12 -38.19 -31.25
N GLY B 66 1.04 -37.74 -32.10
CA GLY B 66 2.08 -38.64 -32.56
C GLY B 66 3.10 -39.03 -31.49
N LYS B 67 3.29 -38.15 -30.48
CA LYS B 67 4.46 -38.31 -29.62
C LYS B 67 4.28 -39.25 -28.43
N ALA B 68 3.14 -39.18 -27.75
CA ALA B 68 3.02 -39.73 -26.42
C ALA B 68 2.01 -40.85 -26.40
N THR B 69 2.29 -41.87 -25.59
CA THR B 69 1.42 -43.01 -25.40
C THR B 69 1.33 -43.25 -23.91
N LEU B 70 0.11 -43.23 -23.38
CA LEU B 70 -0.15 -43.47 -21.97
C LEU B 70 -0.67 -44.89 -21.76
N THR B 71 -0.13 -45.60 -20.78
CA THR B 71 -0.59 -46.93 -20.43
C THR B 71 -0.58 -47.06 -18.91
N VAL B 72 -1.38 -47.99 -18.39
CA VAL B 72 -1.36 -48.32 -16.97
C VAL B 72 -1.15 -49.82 -16.78
N ASP B 73 -0.31 -50.17 -15.82
CA ASP B 73 -0.10 -51.56 -15.44
C ASP B 73 -0.96 -51.80 -14.21
N LYS B 74 -2.12 -52.42 -14.42
CA LYS B 74 -3.05 -52.69 -13.33
C LYS B 74 -2.39 -53.54 -12.25
N SER B 75 -1.64 -54.56 -12.66
CA SER B 75 -1.03 -55.47 -11.70
C SER B 75 -0.04 -54.75 -10.78
N SER B 76 0.80 -53.88 -11.34
CA SER B 76 1.84 -53.21 -10.56
C SER B 76 1.50 -51.77 -10.18
N SER B 77 0.29 -51.31 -10.46
CA SER B 77 -0.16 -49.97 -10.07
C SER B 77 0.83 -48.91 -10.54
N THR B 78 1.21 -49.00 -11.81
CA THR B 78 2.17 -48.08 -12.41
C THR B 78 1.60 -47.54 -13.71
N ALA B 79 1.62 -46.21 -13.85
CA ALA B 79 1.27 -45.53 -15.08
C ALA B 79 2.54 -45.21 -15.84
N TYR B 80 2.45 -45.26 -17.16
CA TYR B 80 3.61 -45.04 -18.01
C TYR B 80 3.32 -44.00 -19.07
N MET B 81 4.34 -43.23 -19.41
CA MET B 81 4.26 -42.34 -20.57
C MET B 81 5.44 -42.63 -21.48
N HIS B 82 5.15 -43.13 -22.68
CA HIS B 82 6.16 -43.39 -23.68
C HIS B 82 6.26 -42.20 -24.62
N LEU B 83 7.47 -41.67 -24.79
CA LEU B 83 7.67 -40.55 -25.70
C LEU B 83 8.58 -41.02 -26.82
N ASN B 84 8.29 -40.62 -28.05
CA ASN B 84 9.09 -41.10 -29.16
C ASN B 84 9.63 -39.94 -30.00
N SER B 85 10.58 -40.28 -30.88
CA SER B 85 11.25 -39.34 -31.78
C SER B 85 11.73 -38.10 -31.03
N LEU B 86 12.51 -38.32 -29.98
CA LEU B 86 12.81 -37.22 -29.06
C LEU B 86 13.75 -36.20 -29.68
N THR B 87 13.41 -34.92 -29.50
CA THR B 87 14.28 -33.82 -29.88
C THR B 87 14.46 -32.91 -28.67
N SER B 88 15.28 -31.88 -28.82
CA SER B 88 15.57 -31.02 -27.67
C SER B 88 14.31 -30.37 -27.13
N GLU B 89 13.30 -30.13 -27.98
CA GLU B 89 12.06 -29.53 -27.49
C GLU B 89 11.33 -30.41 -26.48
N ASP B 90 11.63 -31.70 -26.44
CA ASP B 90 11.09 -32.58 -25.43
C ASP B 90 11.84 -32.50 -24.10
N SER B 91 12.95 -31.77 -24.06
CA SER B 91 13.62 -31.56 -22.79
C SER B 91 12.70 -30.74 -21.89
N ALA B 92 12.33 -31.32 -20.75
CA ALA B 92 11.39 -30.67 -19.84
C ALA B 92 11.21 -31.49 -18.58
N VAL B 93 10.43 -30.97 -17.65
CA VAL B 93 9.94 -31.74 -16.50
C VAL B 93 8.58 -32.30 -16.87
N TYR B 94 8.38 -33.58 -16.61
CA TYR B 94 7.10 -34.24 -16.90
C TYR B 94 6.47 -34.67 -15.60
N TYR B 95 5.22 -34.30 -15.42
CA TYR B 95 4.50 -34.61 -14.21
C TYR B 95 3.43 -35.66 -14.49
N CYS B 96 3.23 -36.49 -13.50
CA CYS B 96 2.19 -37.48 -13.48
C CYS B 96 1.24 -37.08 -12.37
N ALA B 97 -0.06 -37.11 -12.64
CA ALA B 97 -1.00 -36.84 -11.57
C ALA B 97 -2.19 -37.78 -11.68
N GLY B 98 -2.85 -38.02 -10.55
CA GLY B 98 -4.03 -38.85 -10.53
C GLY B 98 -5.16 -38.25 -9.71
N TRP B 99 -6.40 -38.41 -10.14
CA TRP B 99 -7.49 -37.73 -9.47
C TRP B 99 -8.77 -38.52 -9.62
N ASN B 100 -9.65 -38.31 -8.66
CA ASN B 100 -11.07 -38.64 -8.70
C ASN B 100 -11.78 -37.52 -7.96
N ARG B 101 -13.07 -37.67 -7.72
CA ARG B 101 -13.79 -36.53 -7.16
C ARG B 101 -13.48 -36.29 -5.69
N TYR B 102 -12.78 -37.21 -5.01
CA TYR B 102 -12.41 -37.02 -3.61
C TYR B 102 -11.02 -36.49 -3.42
N ASP B 103 -10.13 -36.76 -4.37
CA ASP B 103 -8.72 -36.62 -4.08
C ASP B 103 -7.93 -36.47 -5.37
N GLU B 104 -6.85 -35.71 -5.30
CA GLU B 104 -5.89 -35.60 -6.39
C GLU B 104 -4.49 -35.58 -5.82
N ASP B 105 -3.55 -36.22 -6.51
CA ASP B 105 -2.15 -36.15 -6.10
C ASP B 105 -1.23 -36.01 -7.31
N TRP B 106 -0.07 -35.41 -7.09
CA TRP B 106 0.88 -35.23 -8.16
C TRP B 106 2.20 -35.91 -7.81
N GLY B 107 2.87 -36.42 -8.82
CA GLY B 107 4.22 -36.91 -8.62
C GLY B 107 5.21 -35.74 -8.50
N GLN B 108 6.44 -36.08 -8.13
CA GLN B 108 7.46 -35.07 -7.89
C GLN B 108 8.03 -34.49 -9.17
N GLY B 109 7.84 -35.16 -10.30
CA GLY B 109 8.36 -34.68 -11.56
C GLY B 109 9.55 -35.51 -12.02
N THR B 110 9.72 -35.60 -13.34
CA THR B 110 10.85 -36.27 -13.98
C THR B 110 11.49 -35.31 -14.96
N THR B 111 12.77 -35.04 -14.78
CA THR B 111 13.49 -34.14 -15.67
C THR B 111 14.13 -34.95 -16.77
N LEU B 112 13.77 -34.63 -18.01
CA LEU B 112 14.22 -35.33 -19.18
C LEU B 112 15.11 -34.40 -19.99
N THR B 113 16.29 -34.87 -20.38
CA THR B 113 17.19 -34.08 -21.21
C THR B 113 17.47 -34.84 -22.49
N VAL B 114 17.19 -34.19 -23.63
CA VAL B 114 17.44 -34.77 -24.94
C VAL B 114 18.66 -34.06 -25.49
N SER B 115 19.81 -34.72 -25.48
CA SER B 115 21.07 -34.08 -25.85
C SER B 115 22.05 -35.09 -26.42
N SER B 116 22.90 -34.60 -27.34
CA SER B 116 24.01 -35.43 -27.82
C SER B 116 25.14 -35.51 -26.78
N ALA B 117 25.23 -34.51 -25.90
CA ALA B 117 26.36 -34.37 -24.99
C ALA B 117 26.46 -35.54 -24.01
N LYS B 118 27.68 -35.81 -23.58
CA LYS B 118 27.98 -36.95 -22.72
C LYS B 118 27.83 -36.61 -21.24
N THR B 119 27.45 -37.62 -20.46
CA THR B 119 27.30 -37.47 -19.01
C THR B 119 28.62 -37.09 -18.36
N THR B 120 28.58 -36.10 -17.44
CA THR B 120 29.79 -35.67 -16.73
C THR B 120 29.49 -35.36 -15.27
N PRO B 121 30.22 -35.97 -14.34
CA PRO B 121 29.98 -35.74 -12.90
C PRO B 121 30.44 -34.37 -12.47
N PRO B 122 29.95 -33.86 -11.35
CA PRO B 122 30.40 -32.55 -10.87
C PRO B 122 31.72 -32.62 -10.11
N SER B 123 32.50 -31.56 -10.24
CA SER B 123 33.60 -31.28 -9.32
C SER B 123 33.04 -30.50 -8.13
N VAL B 124 33.25 -31.01 -6.92
CA VAL B 124 32.74 -30.34 -5.73
C VAL B 124 33.92 -29.74 -4.97
N TYR B 125 33.94 -28.41 -4.84
CA TYR B 125 35.01 -27.72 -4.14
C TYR B 125 34.42 -27.04 -2.90
N PRO B 126 34.98 -27.21 -1.70
CA PRO B 126 34.42 -26.50 -0.54
C PRO B 126 34.80 -25.04 -0.56
N LEU B 127 33.95 -24.21 0.01
CA LEU B 127 34.25 -22.78 0.14
C LEU B 127 34.25 -22.41 1.62
N ALA B 128 35.43 -22.16 2.17
CA ALA B 128 35.53 -21.73 3.57
C ALA B 128 35.97 -20.27 3.61
N PRO B 129 35.60 -19.51 4.66
CA PRO B 129 35.87 -18.06 4.71
C PRO B 129 37.35 -17.70 4.66
N GLN B 134 37.43 -11.95 10.03
CA GLN B 134 36.21 -11.48 10.67
C GLN B 134 35.58 -12.55 11.56
N THR B 135 35.26 -12.18 12.81
CA THR B 135 34.46 -12.98 13.73
C THR B 135 33.14 -12.24 13.94
N ASN B 136 32.17 -12.52 13.07
CA ASN B 136 30.85 -11.97 13.24
C ASN B 136 30.00 -12.89 14.13
N SER B 137 28.77 -12.45 14.40
CA SER B 137 27.78 -13.34 14.98
C SER B 137 27.51 -14.52 14.06
N MET B 138 27.44 -14.28 12.75
CA MET B 138 27.10 -15.33 11.81
C MET B 138 28.22 -15.47 10.78
N VAL B 139 28.38 -16.70 10.27
CA VAL B 139 29.40 -17.03 9.27
C VAL B 139 28.72 -17.68 8.06
N THR B 140 29.27 -17.42 6.88
CA THR B 140 28.77 -17.97 5.64
C THR B 140 29.76 -18.96 5.06
N LEU B 141 29.30 -20.17 4.78
CA LEU B 141 30.07 -21.22 4.13
C LEU B 141 29.45 -21.47 2.77
N GLY B 142 30.19 -22.16 1.90
CA GLY B 142 29.73 -22.37 0.55
C GLY B 142 30.20 -23.68 -0.04
N CYS B 143 29.47 -24.10 -1.06
CA CYS B 143 29.81 -25.26 -1.88
C CYS B 143 29.77 -24.87 -3.36
N LEU B 144 30.79 -25.27 -4.12
CA LEU B 144 30.81 -25.02 -5.55
C LEU B 144 30.80 -26.37 -6.27
N VAL B 145 29.79 -26.61 -7.10
CA VAL B 145 29.74 -27.82 -7.92
C VAL B 145 29.85 -27.39 -9.38
N LYS B 146 30.84 -27.91 -10.09
CA LYS B 146 31.24 -27.31 -11.34
C LYS B 146 31.44 -28.37 -12.41
N GLY B 147 31.08 -28.01 -13.64
CA GLY B 147 31.34 -28.87 -14.77
C GLY B 147 30.61 -30.19 -14.81
N TYR B 148 29.30 -30.18 -14.60
CA TYR B 148 28.52 -31.41 -14.65
C TYR B 148 27.48 -31.35 -15.75
N PHE B 149 27.07 -32.52 -16.22
CA PHE B 149 26.02 -32.63 -17.20
C PHE B 149 25.44 -34.03 -17.12
N PRO B 150 24.11 -34.18 -17.13
CA PRO B 150 23.14 -33.08 -17.19
C PRO B 150 22.59 -32.68 -15.83
N GLU B 151 21.69 -31.70 -15.81
CA GLU B 151 20.88 -31.48 -14.64
C GLU B 151 19.90 -32.64 -14.49
N PRO B 152 19.42 -32.93 -13.27
CA PRO B 152 19.63 -32.08 -12.09
C PRO B 152 20.74 -32.55 -11.17
N VAL B 153 21.08 -31.68 -10.22
CA VAL B 153 21.99 -32.00 -9.14
C VAL B 153 21.31 -31.56 -7.85
N THR B 154 21.58 -32.27 -6.75
CA THR B 154 20.96 -32.00 -5.44
C THR B 154 22.01 -31.68 -4.38
N VAL B 155 21.92 -30.51 -3.75
CA VAL B 155 22.85 -30.16 -2.66
C VAL B 155 22.08 -30.05 -1.34
N THR B 156 22.56 -30.77 -0.33
CA THR B 156 22.06 -30.63 1.03
C THR B 156 23.25 -30.45 1.98
N TRP B 157 22.96 -29.81 3.11
CA TRP B 157 23.96 -29.55 4.13
C TRP B 157 23.68 -30.44 5.34
N ASN B 158 24.74 -31.09 5.82
CA ASN B 158 24.66 -32.01 6.94
C ASN B 158 23.50 -32.99 6.76
N SER B 159 23.47 -33.60 5.58
CA SER B 159 22.46 -34.60 5.22
C SER B 159 21.03 -34.08 5.43
N GLY B 160 20.84 -32.78 5.28
CA GLY B 160 19.52 -32.20 5.41
C GLY B 160 19.19 -31.62 6.76
N SER B 161 20.12 -31.70 7.73
CA SER B 161 19.86 -31.13 9.05
C SER B 161 19.84 -29.62 8.98
N LEU B 162 20.68 -29.03 8.14
CA LEU B 162 20.73 -27.58 7.97
C LEU B 162 19.91 -27.22 6.75
N SER B 163 18.77 -26.58 6.97
CA SER B 163 17.93 -26.07 5.90
C SER B 163 17.61 -24.60 6.04
N SER B 164 17.72 -24.03 7.24
CA SER B 164 17.20 -22.69 7.47
C SER B 164 18.01 -21.63 6.73
N GLY B 165 19.34 -21.73 6.74
CA GLY B 165 20.17 -20.67 6.20
C GLY B 165 20.83 -21.00 4.89
N VAL B 166 20.17 -21.81 4.06
CA VAL B 166 20.72 -22.25 2.78
C VAL B 166 20.22 -21.36 1.66
N HIS B 167 21.09 -21.12 0.69
CA HIS B 167 20.77 -20.48 -0.59
C HIS B 167 21.45 -21.33 -1.65
N THR B 168 20.65 -22.05 -2.44
CA THR B 168 21.18 -22.82 -3.55
C THR B 168 20.80 -22.13 -4.84
N PHE B 169 21.80 -21.85 -5.68
CA PHE B 169 21.53 -20.97 -6.80
C PHE B 169 21.27 -21.77 -8.07
N PRO B 170 20.38 -21.29 -8.92
CA PRO B 170 20.11 -22.02 -10.16
C PRO B 170 21.40 -22.24 -10.92
N ALA B 171 21.56 -23.46 -11.45
CA ALA B 171 22.75 -23.75 -12.21
C ALA B 171 22.78 -22.91 -13.49
N VAL B 172 23.98 -22.70 -14.00
CA VAL B 172 24.13 -21.97 -15.25
C VAL B 172 24.98 -22.82 -16.18
N LEU B 173 24.71 -22.69 -17.49
CA LEU B 173 25.26 -23.57 -18.49
C LEU B 173 26.30 -22.80 -19.29
N GLN B 174 27.48 -23.40 -19.43
CA GLN B 174 28.54 -22.88 -20.27
C GLN B 174 29.18 -24.02 -21.02
N SER B 175 29.50 -23.76 -22.27
CA SER B 175 29.95 -24.79 -23.18
C SER B 175 28.91 -25.90 -23.02
N ASP B 176 29.32 -27.12 -22.71
CA ASP B 176 28.35 -28.20 -22.53
C ASP B 176 28.22 -28.61 -21.07
N LEU B 177 28.57 -27.72 -20.12
CA LEU B 177 28.57 -28.07 -18.71
C LEU B 177 27.89 -27.04 -17.83
N TYR B 178 27.29 -27.53 -16.75
CA TYR B 178 26.56 -26.74 -15.76
C TYR B 178 27.42 -26.43 -14.55
N THR B 179 27.13 -25.29 -13.93
CA THR B 179 27.76 -24.89 -12.69
C THR B 179 26.75 -24.24 -11.77
N LEU B 180 26.79 -24.62 -10.50
CA LEU B 180 26.01 -23.95 -9.48
C LEU B 180 26.80 -23.92 -8.18
N SER B 181 26.31 -23.11 -7.26
CA SER B 181 26.86 -23.02 -5.93
C SER B 181 25.73 -22.92 -4.93
N SER B 182 25.99 -23.35 -3.71
CA SER B 182 25.06 -23.13 -2.63
C SER B 182 25.85 -22.66 -1.42
N SER B 183 25.19 -21.89 -0.58
CA SER B 183 25.82 -21.26 0.56
C SER B 183 24.99 -21.54 1.79
N VAL B 184 25.67 -21.66 2.92
CA VAL B 184 25.01 -21.73 4.21
C VAL B 184 25.55 -20.62 5.09
N THR B 185 24.64 -19.85 5.71
CA THR B 185 24.99 -18.88 6.74
C THR B 185 24.64 -19.54 8.06
N VAL B 186 25.63 -19.62 8.95
CA VAL B 186 25.47 -20.33 10.22
C VAL B 186 26.04 -19.46 11.34
N PRO B 187 25.53 -19.64 12.58
CA PRO B 187 26.12 -18.93 13.72
C PRO B 187 27.59 -19.30 13.92
N SER B 188 28.40 -18.32 14.30
CA SER B 188 29.84 -18.53 14.49
C SER B 188 30.12 -19.48 15.64
N SER B 189 29.24 -19.51 16.65
CA SER B 189 29.41 -20.45 17.75
C SER B 189 29.36 -21.89 17.25
N THR B 190 28.45 -22.18 16.32
CA THR B 190 28.28 -23.54 15.80
C THR B 190 29.46 -23.99 14.95
N TRP B 191 30.00 -23.13 14.08
CA TRP B 191 31.08 -23.55 13.20
C TRP B 191 32.35 -22.75 13.47
N PRO B 192 33.53 -23.41 13.63
CA PRO B 192 33.88 -24.82 13.41
C PRO B 192 33.58 -25.80 14.55
N SER B 193 32.84 -25.37 15.57
CA SER B 193 32.55 -26.25 16.69
C SER B 193 31.82 -27.51 16.23
N GLU B 194 30.82 -27.33 15.38
CA GLU B 194 30.12 -28.45 14.78
C GLU B 194 30.56 -28.60 13.34
N THR B 195 30.74 -29.83 12.91
CA THR B 195 31.10 -30.07 11.52
C THR B 195 29.91 -29.74 10.64
N VAL B 196 30.16 -29.07 9.52
CA VAL B 196 29.14 -28.83 8.51
C VAL B 196 29.70 -29.32 7.17
N THR B 197 29.03 -30.31 6.59
CA THR B 197 29.45 -30.87 5.32
C THR B 197 28.39 -30.64 4.26
N CYS B 198 28.85 -30.54 3.03
CA CYS B 198 28.03 -30.32 1.86
C CYS B 198 27.84 -31.64 1.12
N ASN B 199 26.59 -32.00 0.86
CA ASN B 199 26.26 -33.28 0.24
C ASN B 199 25.71 -33.03 -1.15
N VAL B 200 26.42 -33.52 -2.16
CA VAL B 200 26.06 -33.31 -3.56
C VAL B 200 25.73 -34.65 -4.19
N ALA B 201 24.59 -34.69 -4.87
CA ALA B 201 24.08 -35.88 -5.54
C ALA B 201 23.89 -35.58 -7.02
N HIS B 202 24.44 -36.42 -7.88
CA HIS B 202 24.27 -36.31 -9.32
C HIS B 202 23.63 -37.60 -9.82
N PRO B 203 22.29 -37.66 -9.90
CA PRO B 203 21.63 -38.89 -10.37
C PRO B 203 22.17 -39.42 -11.68
N ALA B 204 22.33 -38.55 -12.68
CA ALA B 204 22.72 -39.01 -14.01
C ALA B 204 24.03 -39.80 -14.01
N SER B 205 25.03 -39.36 -13.23
CA SER B 205 26.28 -40.10 -13.17
C SER B 205 26.35 -41.05 -11.99
N SER B 206 25.27 -41.18 -11.22
CA SER B 206 25.17 -42.09 -10.08
C SER B 206 26.30 -41.87 -9.09
N THR B 207 26.53 -40.60 -8.75
CA THR B 207 27.59 -40.24 -7.82
C THR B 207 27.02 -39.33 -6.73
N LYS B 208 27.40 -39.62 -5.48
CA LYS B 208 27.12 -38.73 -4.36
C LYS B 208 28.45 -38.37 -3.70
N VAL B 209 28.59 -37.09 -3.34
CA VAL B 209 29.86 -36.62 -2.80
C VAL B 209 29.58 -35.84 -1.53
N ASP B 210 30.38 -36.06 -0.50
CA ASP B 210 30.27 -35.31 0.75
C ASP B 210 31.57 -34.58 1.00
N LYS B 211 31.47 -33.27 1.22
CA LYS B 211 32.63 -32.44 1.45
C LYS B 211 32.43 -31.67 2.74
N LYS B 212 33.28 -31.95 3.72
CA LYS B 212 33.23 -31.23 4.98
C LYS B 212 33.90 -29.88 4.79
N ILE B 213 33.27 -28.82 5.28
CA ILE B 213 33.91 -27.51 5.18
C ILE B 213 34.94 -27.38 6.29
N VAL B 214 36.15 -26.97 5.92
CA VAL B 214 37.32 -26.89 6.80
C VAL B 214 38.03 -25.55 6.65
N PRO B 215 38.42 -24.94 7.77
CA PRO B 215 38.97 -23.55 7.72
C PRO B 215 40.38 -23.63 7.16
N ARG B 216 40.69 -22.69 6.24
CA ARG B 216 42.06 -22.79 5.71
C ARG B 216 42.98 -22.41 6.85
N ASP C 1 -4.88 40.35 34.21
CA ASP C 1 -3.89 39.41 34.72
C ASP C 1 -2.83 39.29 33.68
N ILE C 2 -1.72 38.65 34.02
CA ILE C 2 -0.61 38.57 33.09
C ILE C 2 -0.85 37.37 32.18
N VAL C 3 -0.98 37.64 30.88
CA VAL C 3 -1.13 36.57 29.91
C VAL C 3 0.06 36.58 28.97
N LEU C 4 0.58 35.38 28.78
CA LEU C 4 1.75 35.11 27.93
C LEU C 4 1.32 34.29 26.75
N THR C 5 1.71 34.70 25.57
CA THR C 5 1.38 34.00 24.32
C THR C 5 2.66 33.57 23.63
N GLN C 6 2.84 32.26 23.51
CA GLN C 6 4.05 31.63 23.04
C GLN C 6 3.86 31.17 21.60
N SER C 7 4.89 31.37 20.79
CA SER C 7 4.83 31.01 19.39
C SER C 7 6.16 30.46 18.93
N PRO C 8 6.14 29.41 18.09
CA PRO C 8 4.93 28.67 17.69
C PRO C 8 4.54 27.64 18.76
N ALA C 9 3.39 26.97 18.62
CA ALA C 9 3.08 25.88 19.53
C ALA C 9 4.02 24.69 19.33
N SER C 10 4.41 24.41 18.09
CA SER C 10 5.39 23.37 17.84
C SER C 10 6.36 23.86 16.76
N LEU C 11 7.57 23.36 16.84
CA LEU C 11 8.69 23.83 16.04
C LEU C 11 9.48 22.61 15.64
N ALA C 12 9.68 22.46 14.34
CA ALA C 12 10.43 21.36 13.75
C ALA C 12 11.73 21.91 13.17
N VAL C 13 12.86 21.37 13.62
CA VAL C 13 14.14 21.95 13.28
C VAL C 13 15.15 20.84 13.00
N SER C 14 16.00 21.05 12.00
CA SER C 14 17.07 20.10 11.67
C SER C 14 18.27 20.32 12.57
N LEU C 15 19.02 19.24 12.82
CA LEU C 15 20.20 19.38 13.66
C LEU C 15 21.15 20.41 13.09
N GLY C 16 21.86 21.10 13.98
CA GLY C 16 22.81 22.10 13.56
C GLY C 16 22.17 23.42 13.20
N GLN C 17 20.86 23.49 13.10
CA GLN C 17 20.18 24.70 12.70
C GLN C 17 19.79 25.53 13.92
N ARG C 18 19.06 26.58 13.66
CA ARG C 18 18.76 27.64 14.62
C ARG C 18 17.28 27.61 14.94
N ALA C 19 16.94 27.45 16.22
CA ALA C 19 15.54 27.45 16.61
C ALA C 19 15.25 28.75 17.35
N THR C 20 14.14 29.39 17.02
CA THR C 20 13.77 30.65 17.64
C THR C 20 12.34 30.54 18.14
N ILE C 21 12.15 30.77 19.44
CA ILE C 21 10.85 30.67 20.10
C ILE C 21 10.47 32.04 20.65
N SER C 22 9.20 32.40 20.52
CA SER C 22 8.72 33.72 20.91
C SER C 22 7.72 33.65 22.05
N CYS C 23 7.72 34.71 22.84
CA CYS C 23 6.80 34.85 23.95
C CYS C 23 6.39 36.31 24.01
N ARG C 24 5.11 36.58 23.86
N ARG C 24 5.11 36.56 23.89
CA ARG C 24 4.59 37.94 23.97
CA ARG C 24 4.52 37.89 23.95
C ARG C 24 3.74 38.02 25.23
C ARG C 24 3.72 38.02 25.24
N THR C 25 3.83 39.15 25.91
CA THR C 25 3.20 39.32 27.21
C THR C 25 2.19 40.44 27.16
N SER C 26 1.11 40.29 27.94
CA SER C 26 0.10 41.34 28.07
C SER C 26 0.58 42.50 28.93
N GLU C 27 1.53 42.29 29.82
N GLU C 27 1.54 42.29 29.83
CA GLU C 27 2.06 43.37 30.67
CA GLU C 27 2.07 43.32 30.70
C GLU C 27 3.55 43.53 30.42
C GLU C 27 3.56 43.52 30.42
N THR C 28 3.92 44.74 29.96
CA THR C 28 5.30 45.07 29.65
C THR C 28 6.24 44.94 30.85
N ILE C 29 7.48 44.55 30.58
CA ILE C 29 8.52 44.43 31.57
C ILE C 29 9.53 45.55 31.37
N ASP C 30 9.71 46.40 32.39
CA ASP C 30 10.79 47.38 32.36
C ASP C 30 12.15 46.67 32.45
N SER C 31 13.21 47.48 32.37
CA SER C 31 14.51 46.94 32.74
C SER C 31 14.62 46.81 34.26
N TYR C 32 14.02 47.77 35.00
CA TYR C 32 13.92 47.72 36.46
C TYR C 32 12.58 47.20 36.96
N GLY C 33 11.69 46.76 36.05
CA GLY C 33 10.30 46.48 36.39
C GLY C 33 10.13 45.38 37.42
N ASN C 34 8.93 45.35 38.01
CA ASN C 34 8.60 44.31 39.00
C ASN C 34 8.73 42.93 38.38
N SER C 35 8.28 42.77 37.14
CA SER C 35 8.28 41.44 36.55
C SER C 35 9.66 41.01 36.10
N PHE C 36 9.84 39.69 35.99
CA PHE C 36 10.98 39.09 35.32
C PHE C 36 10.47 38.15 34.24
N MET C 37 11.36 37.78 33.32
CA MET C 37 11.03 36.84 32.27
C MET C 37 12.10 35.76 32.23
N HIS C 38 11.72 34.51 32.24
CA HIS C 38 12.70 33.44 32.18
C HIS C 38 12.17 32.32 31.30
N TRP C 39 13.09 31.44 30.91
CA TRP C 39 12.80 30.35 29.99
C TRP C 39 13.13 29.00 30.60
N TYR C 40 12.24 28.04 30.39
CA TYR C 40 12.40 26.71 30.91
C TYR C 40 12.45 25.68 29.79
N GLN C 41 13.20 24.62 30.03
CA GLN C 41 13.21 23.48 29.13
C GLN C 41 12.67 22.34 29.93
N GLN C 42 11.60 21.71 29.46
CA GLN C 42 11.08 20.52 30.11
C GLN C 42 11.24 19.31 29.17
N LYS C 43 12.12 18.39 29.54
CA LYS C 43 12.20 17.10 28.87
C LYS C 43 11.17 16.12 29.46
N PRO C 44 10.66 15.19 28.66
CA PRO C 44 9.58 14.31 29.14
C PRO C 44 9.95 13.59 30.42
N GLY C 45 9.03 13.61 31.38
CA GLY C 45 9.28 12.94 32.64
C GLY C 45 10.10 13.73 33.61
N GLN C 46 10.48 14.96 33.29
CA GLN C 46 11.44 15.70 34.09
C GLN C 46 10.85 17.04 34.50
N PRO C 47 11.37 17.64 35.57
CA PRO C 47 10.92 18.97 35.97
C PRO C 47 11.40 19.99 34.97
N PRO C 48 10.69 21.11 34.82
CA PRO C 48 11.25 22.24 34.07
C PRO C 48 12.60 22.64 34.62
N LYS C 49 13.52 22.94 33.71
CA LYS C 49 14.86 23.38 34.05
C LYS C 49 15.08 24.78 33.50
N LEU C 50 15.59 25.67 34.34
CA LEU C 50 15.84 27.04 33.96
C LEU C 50 16.96 27.14 32.91
N LEU C 51 16.73 27.92 31.87
CA LEU C 51 17.69 28.10 30.79
C LEU C 51 18.50 29.39 30.94
N ILE C 52 19.54 29.48 30.08
CA ILE C 52 20.44 30.61 29.87
C ILE C 52 21.37 30.87 31.06
N TYR C 53 20.81 31.16 32.23
CA TYR C 53 21.61 31.33 33.43
C TYR C 53 21.95 29.98 34.04
N ARG C 54 23.07 29.93 34.74
CA ARG C 54 23.52 28.71 35.40
C ARG C 54 24.76 28.97 36.21
N ALA C 64 26.11 29.31 25.94
CA ALA C 64 26.51 29.43 24.53
C ALA C 64 25.36 29.02 23.60
N ARG C 65 24.80 27.82 23.79
CA ARG C 65 23.80 27.36 22.82
C ARG C 65 22.42 27.97 23.04
N PHE C 66 22.04 28.32 24.27
CA PHE C 66 20.77 28.99 24.54
C PHE C 66 21.01 30.45 24.86
N SER C 67 20.22 31.33 24.25
CA SER C 67 20.32 32.75 24.56
C SER C 67 18.94 33.38 24.48
N GLY C 68 18.76 34.40 25.29
CA GLY C 68 17.51 35.14 25.33
C GLY C 68 17.75 36.55 24.84
N SER C 69 16.74 37.08 24.16
CA SER C 69 16.74 38.45 23.70
C SER C 69 15.31 38.91 23.85
N GLY C 70 15.10 40.07 24.42
CA GLY C 70 13.73 40.45 24.50
C GLY C 70 13.65 41.80 25.12
N SER C 71 12.71 42.59 24.59
CA SER C 71 12.47 43.96 25.00
C SER C 71 10.98 44.12 25.25
N ARG C 72 10.65 44.59 26.45
CA ARG C 72 9.34 45.14 26.79
C ARG C 72 8.28 44.05 26.67
N THR C 73 7.63 43.91 25.51
CA THR C 73 6.53 42.95 25.44
C THR C 73 6.91 41.68 24.69
N ASP C 74 7.96 41.70 23.87
CA ASP C 74 8.30 40.56 23.03
C ASP C 74 9.63 39.94 23.44
N PHE C 75 9.62 38.66 23.71
CA PHE C 75 10.78 37.92 24.21
C PHE C 75 11.06 36.71 23.34
N THR C 76 12.35 36.45 23.15
CA THR C 76 12.81 35.42 22.25
C THR C 76 13.76 34.47 22.95
N LEU C 77 13.61 33.18 22.68
CA LEU C 77 14.60 32.19 23.06
C LEU C 77 15.20 31.64 21.78
N THR C 78 16.52 31.64 21.67
CA THR C 78 17.20 31.13 20.49
C THR C 78 18.04 29.94 20.92
N ILE C 79 17.91 28.83 20.19
CA ILE C 79 18.74 27.64 20.38
C ILE C 79 19.59 27.47 19.13
N ASN C 80 20.90 27.52 19.31
CA ASN C 80 21.86 27.50 18.21
C ASN C 80 23.22 26.94 18.63
N PRO C 81 23.70 25.83 18.03
CA PRO C 81 22.95 24.97 17.09
C PRO C 81 22.07 23.97 17.83
N VAL C 82 20.93 23.60 17.23
CA VAL C 82 20.04 22.62 17.83
C VAL C 82 20.71 21.26 17.84
N GLU C 83 20.57 20.55 18.95
CA GLU C 83 21.11 19.21 19.06
C GLU C 83 19.99 18.21 19.26
N ALA C 84 20.34 16.93 19.10
CA ALA C 84 19.34 15.87 19.20
C ALA C 84 18.75 15.82 20.61
N ASP C 85 19.57 16.04 21.62
CA ASP C 85 19.07 15.98 22.98
C ASP C 85 18.31 17.25 23.37
N ASP C 86 17.98 18.13 22.43
CA ASP C 86 17.14 19.27 22.74
C ASP C 86 15.65 18.97 22.64
N VAL C 87 15.26 17.71 22.41
CA VAL C 87 13.84 17.36 22.38
C VAL C 87 13.24 17.73 23.71
N ALA C 88 12.24 18.61 23.71
CA ALA C 88 11.64 19.09 24.95
C ALA C 88 10.51 20.06 24.61
N THR C 89 9.73 20.42 25.62
CA THR C 89 8.85 21.58 25.55
C THR C 89 9.51 22.75 26.26
N TYR C 90 9.45 23.92 25.64
CA TYR C 90 10.08 25.12 26.15
C TYR C 90 8.97 26.06 26.59
N TYR C 91 9.13 26.64 27.79
CA TYR C 91 8.14 27.54 28.39
C TYR C 91 8.78 28.85 28.82
N CYS C 92 8.07 29.94 28.57
CA CYS C 92 8.43 31.20 29.18
C CYS C 92 7.64 31.36 30.49
N GLN C 93 8.26 32.06 31.44
CA GLN C 93 7.65 32.30 32.74
C GLN C 93 7.87 33.74 33.12
N GLN C 94 6.79 34.43 33.48
CA GLN C 94 6.85 35.79 33.99
C GLN C 94 6.56 35.70 35.49
N THR C 95 7.37 36.40 36.27
CA THR C 95 7.38 36.37 37.71
C THR C 95 7.09 37.78 38.16
N ASN C 96 6.16 37.90 39.07
CA ASN C 96 5.66 39.18 39.55
C ASN C 96 5.18 38.91 40.96
N GLU C 97 5.13 39.94 41.80
CA GLU C 97 4.67 39.74 43.17
C GLU C 97 3.21 39.31 43.20
N VAL C 98 2.42 39.71 42.20
CA VAL C 98 1.02 39.35 42.27
C VAL C 98 0.80 37.91 41.76
N MET C 99 1.45 37.52 40.66
CA MET C 99 1.24 36.16 40.16
C MET C 99 2.45 35.72 39.35
N TYR C 100 2.60 34.41 39.17
CA TYR C 100 3.52 33.86 38.20
C TYR C 100 2.71 33.27 37.07
N THR C 101 3.22 33.36 35.82
CA THR C 101 2.49 32.77 34.71
C THR C 101 3.46 32.05 33.79
N PHE C 102 2.95 31.01 33.14
CA PHE C 102 3.69 30.34 32.11
C PHE C 102 3.02 30.57 30.76
N GLY C 103 3.82 30.57 29.70
CA GLY C 103 3.25 30.48 28.37
C GLY C 103 2.77 29.06 28.12
N GLY C 104 2.07 28.88 27.01
CA GLY C 104 1.45 27.61 26.68
C GLY C 104 2.42 26.51 26.35
N GLY C 105 3.67 26.82 26.11
CA GLY C 105 4.71 25.87 25.74
C GLY C 105 4.95 25.82 24.24
N THR C 106 6.17 25.52 23.86
CA THR C 106 6.52 25.25 22.47
C THR C 106 7.20 23.89 22.43
N LYS C 107 6.61 22.95 21.73
CA LYS C 107 7.24 21.64 21.61
C LYS C 107 8.23 21.62 20.44
N LEU C 108 9.49 21.29 20.74
CA LEU C 108 10.58 21.26 19.78
C LEU C 108 10.80 19.83 19.28
N GLU C 109 10.76 19.65 17.96
N GLU C 109 10.81 19.69 17.96
CA GLU C 109 10.99 18.34 17.37
CA GLU C 109 10.97 18.41 17.28
C GLU C 109 12.14 18.44 16.36
C GLU C 109 12.19 18.48 16.40
N ILE C 110 12.95 17.40 16.31
CA ILE C 110 14.06 17.34 15.38
C ILE C 110 13.61 16.75 14.05
N LYS C 111 14.02 17.39 12.97
CA LYS C 111 13.88 16.85 11.63
C LYS C 111 15.08 15.98 11.38
N ARG C 112 14.80 14.76 10.90
CA ARG C 112 15.83 13.80 10.57
C ARG C 112 15.42 13.16 9.25
N ALA C 113 16.30 12.31 8.70
CA ALA C 113 15.93 11.55 7.52
C ALA C 113 14.83 10.53 7.85
N ASP C 114 14.01 10.25 6.85
CA ASP C 114 12.97 9.26 7.00
C ASP C 114 13.55 7.91 7.39
N ALA C 115 12.77 7.17 8.17
CA ALA C 115 13.17 5.84 8.59
C ALA C 115 11.91 4.98 8.65
N ALA C 116 12.08 3.75 8.37
CA ALA C 116 10.90 2.91 8.36
C ALA C 116 10.85 2.09 9.65
N PRO C 117 9.65 1.84 10.15
CA PRO C 117 9.54 1.13 11.44
C PRO C 117 9.99 -0.31 11.35
N THR C 118 10.72 -0.74 12.36
CA THR C 118 10.97 -2.16 12.55
C THR C 118 9.73 -2.72 13.25
N VAL C 119 9.02 -3.61 12.57
CA VAL C 119 7.76 -4.16 13.08
C VAL C 119 7.98 -5.57 13.59
N SER C 120 7.53 -5.81 14.80
CA SER C 120 7.47 -7.16 15.34
C SER C 120 6.08 -7.37 15.89
N ILE C 121 5.52 -8.55 15.64
CA ILE C 121 4.20 -8.91 16.10
C ILE C 121 4.32 -10.14 17.00
N PHE C 122 3.52 -10.15 18.06
CA PHE C 122 3.57 -11.21 19.04
C PHE C 122 2.15 -11.69 19.29
N PRO C 123 1.92 -12.99 19.29
CA PRO C 123 0.60 -13.53 19.58
C PRO C 123 0.40 -13.68 21.07
N PRO C 124 -0.83 -13.89 21.53
CA PRO C 124 -1.09 -14.07 22.97
C PRO C 124 -0.18 -15.13 23.57
N SER C 125 0.21 -14.90 24.81
CA SER C 125 1.07 -15.85 25.51
C SER C 125 0.22 -16.96 26.09
N SER C 126 0.85 -18.10 26.34
CA SER C 126 0.14 -19.21 26.96
C SER C 126 -0.43 -18.79 28.30
N GLU C 127 0.34 -18.03 29.09
CA GLU C 127 -0.12 -17.54 30.38
C GLU C 127 -1.46 -16.83 30.24
N GLN C 128 -1.54 -15.93 29.25
CA GLN C 128 -2.71 -15.09 29.08
C GLN C 128 -3.94 -15.89 28.61
N LEU C 129 -3.74 -16.91 27.77
CA LEU C 129 -4.88 -17.75 27.42
C LEU C 129 -5.38 -18.54 28.61
N THR C 130 -4.47 -19.04 29.46
CA THR C 130 -4.91 -19.66 30.70
C THR C 130 -5.81 -18.70 31.49
N SER C 131 -5.45 -17.42 31.53
CA SER C 131 -6.30 -16.43 32.18
C SER C 131 -7.67 -16.31 31.50
N GLY C 132 -7.71 -16.42 30.17
CA GLY C 132 -8.93 -16.30 29.41
C GLY C 132 -9.15 -15.01 28.59
N GLY C 133 -8.10 -14.21 28.36
CA GLY C 133 -8.16 -13.08 27.47
C GLY C 133 -7.11 -13.21 26.38
N ALA C 134 -7.19 -12.33 25.39
CA ALA C 134 -6.28 -12.43 24.26
C ALA C 134 -5.84 -11.03 23.84
N SER C 135 -4.52 -10.79 23.89
CA SER C 135 -3.94 -9.52 23.45
C SER C 135 -2.84 -9.79 22.44
N VAL C 136 -3.00 -9.23 21.25
CA VAL C 136 -2.02 -9.37 20.17
C VAL C 136 -1.24 -8.05 20.11
N VAL C 137 0.07 -8.11 20.25
CA VAL C 137 0.88 -6.91 20.45
C VAL C 137 1.73 -6.67 19.21
N CYS C 138 1.83 -5.41 18.80
CA CYS C 138 2.65 -5.06 17.65
C CYS C 138 3.49 -3.84 18.02
N PHE C 139 4.81 -3.98 17.91
CA PHE C 139 5.75 -2.88 18.10
C PHE C 139 6.20 -2.33 16.75
N LEU C 140 6.19 -1.01 16.62
CA LEU C 140 6.70 -0.32 15.42
C LEU C 140 7.80 0.62 15.89
N ASN C 141 9.05 0.17 15.86
CA ASN C 141 10.14 0.88 16.52
C ASN C 141 11.04 1.68 15.58
N ASN C 142 11.48 2.84 16.06
CA ASN C 142 12.54 3.66 15.44
C ASN C 142 12.22 4.09 14.01
N PHE C 143 11.08 4.74 13.84
CA PHE C 143 10.68 5.32 12.57
C PHE C 143 10.67 6.85 12.65
N TYR C 144 10.67 7.50 11.48
CA TYR C 144 10.47 8.94 11.34
C TYR C 144 9.79 9.16 10.00
N PRO C 145 8.82 10.09 9.90
CA PRO C 145 8.26 11.06 10.84
C PRO C 145 7.27 10.48 11.83
N LYS C 146 6.58 11.35 12.56
CA LYS C 146 5.82 10.88 13.71
C LYS C 146 4.48 10.30 13.28
N ASP C 147 3.80 10.95 12.32
CA ASP C 147 2.48 10.49 11.96
C ASP C 147 2.58 9.23 11.11
N ILE C 148 2.12 8.12 11.67
CA ILE C 148 2.13 6.84 10.98
C ILE C 148 0.85 6.13 11.36
N ASN C 149 0.23 5.47 10.41
CA ASN C 149 -0.99 4.77 10.77
C ASN C 149 -0.66 3.31 10.97
N VAL C 150 -1.41 2.68 11.85
CA VAL C 150 -1.27 1.26 12.05
C VAL C 150 -2.65 0.70 11.81
N LYS C 151 -2.69 -0.40 11.07
CA LYS C 151 -3.95 -0.98 10.62
C LYS C 151 -3.91 -2.45 10.95
N TRP C 152 -4.99 -2.95 11.54
CA TRP C 152 -5.08 -4.34 11.93
C TRP C 152 -6.03 -5.06 11.00
N LYS C 153 -5.67 -6.29 10.65
CA LYS C 153 -6.54 -7.18 9.90
C LYS C 153 -6.62 -8.51 10.64
N ILE C 154 -7.83 -8.96 10.90
CA ILE C 154 -8.06 -10.30 11.41
C ILE C 154 -8.58 -11.13 10.24
N ASP C 155 -7.77 -12.09 9.79
CA ASP C 155 -8.14 -13.01 8.70
C ASP C 155 -8.65 -12.25 7.47
N GLY C 156 -7.89 -11.25 7.03
CA GLY C 156 -8.28 -10.53 5.84
C GLY C 156 -9.35 -9.46 6.01
N SER C 157 -9.96 -9.37 7.19
CA SER C 157 -10.90 -8.29 7.49
C SER C 157 -10.22 -7.24 8.38
N GLU C 158 -10.36 -5.98 8.03
CA GLU C 158 -9.83 -4.91 8.85
C GLU C 158 -10.62 -4.81 10.15
N ARG C 159 -9.93 -4.70 11.27
CA ARG C 159 -10.57 -4.54 12.58
C ARG C 159 -10.06 -3.27 13.25
N GLN C 160 -10.99 -2.48 13.79
CA GLN C 160 -10.67 -1.25 14.51
C GLN C 160 -11.08 -1.28 15.97
N ASN C 161 -12.10 -2.04 16.34
CA ASN C 161 -12.46 -2.18 17.75
C ASN C 161 -11.43 -3.04 18.46
N GLY C 162 -11.09 -2.63 19.68
CA GLY C 162 -10.22 -3.41 20.52
C GLY C 162 -8.75 -3.05 20.44
N VAL C 163 -8.40 -1.98 19.73
CA VAL C 163 -7.01 -1.62 19.47
C VAL C 163 -6.70 -0.33 20.21
N LEU C 164 -5.59 -0.35 20.96
CA LEU C 164 -5.11 0.79 21.74
C LEU C 164 -3.65 1.06 21.39
N ASN C 165 -3.39 2.29 20.95
CA ASN C 165 -2.09 2.74 20.50
C ASN C 165 -1.42 3.63 21.52
N SER C 166 -0.08 3.60 21.52
CA SER C 166 0.71 4.32 22.49
C SER C 166 2.03 4.71 21.83
N TRP C 167 2.33 6.00 21.79
CA TRP C 167 3.54 6.52 21.17
C TRP C 167 4.55 6.94 22.23
N THR C 168 5.83 6.72 21.95
CA THR C 168 6.86 7.34 22.76
C THR C 168 7.13 8.77 22.31
N ASP C 169 7.96 9.45 23.08
CA ASP C 169 8.48 10.75 22.69
C ASP C 169 9.62 10.56 21.69
N GLN C 170 9.93 11.62 20.95
CA GLN C 170 11.09 11.57 20.05
C GLN C 170 12.31 11.15 20.82
N ASP C 171 13.07 10.24 20.25
CA ASP C 171 14.23 9.74 20.95
C ASP C 171 15.27 10.83 21.04
N SER C 172 15.96 10.91 22.18
CA SER C 172 16.91 11.99 22.35
C SER C 172 18.26 11.69 21.70
N LYS C 173 18.54 10.44 21.34
CA LYS C 173 19.78 10.15 20.63
C LYS C 173 19.61 10.03 19.13
N ASP C 174 18.56 9.36 18.63
CA ASP C 174 18.44 9.18 17.18
C ASP C 174 17.23 9.85 16.56
N SER C 175 16.43 10.57 17.33
CA SER C 175 15.32 11.36 16.81
C SER C 175 14.21 10.53 16.19
N THR C 176 14.08 9.26 16.56
CA THR C 176 13.01 8.44 16.02
C THR C 176 11.90 8.27 17.05
N TYR C 177 10.72 8.00 16.53
CA TYR C 177 9.57 7.62 17.33
C TYR C 177 9.44 6.11 17.34
N SER C 178 8.77 5.60 18.37
CA SER C 178 8.34 4.21 18.40
C SER C 178 6.90 4.18 18.86
N MET C 179 6.27 3.03 18.66
CA MET C 179 4.85 2.92 18.96
C MET C 179 4.47 1.47 19.19
N SER C 180 3.46 1.26 20.01
CA SER C 180 2.95 -0.08 20.27
C SER C 180 1.45 -0.05 20.03
N SER C 181 0.98 -0.98 19.23
CA SER C 181 -0.43 -1.21 19.00
C SER C 181 -0.81 -2.53 19.65
N THR C 182 -1.95 -2.56 20.33
CA THR C 182 -2.38 -3.75 21.04
C THR C 182 -3.83 -4.03 20.70
N LEU C 183 -4.09 -5.23 20.20
CA LEU C 183 -5.43 -5.71 19.90
C LEU C 183 -5.90 -6.65 20.99
N THR C 184 -6.99 -6.28 21.67
CA THR C 184 -7.52 -7.03 22.81
C THR C 184 -8.82 -7.70 22.40
N LEU C 185 -8.85 -9.02 22.54
CA LEU C 185 -9.98 -9.86 22.17
C LEU C 185 -10.25 -10.86 23.30
N THR C 186 -11.48 -11.39 23.33
CA THR C 186 -11.72 -12.53 24.20
C THR C 186 -10.93 -13.71 23.68
N LYS C 187 -10.56 -14.61 24.59
CA LYS C 187 -9.93 -15.84 24.16
C LYS C 187 -10.78 -16.53 23.11
N ASP C 188 -12.07 -16.65 23.39
CA ASP C 188 -13.01 -17.36 22.55
C ASP C 188 -13.23 -16.69 21.20
N GLU C 189 -12.84 -15.44 21.04
CA GLU C 189 -12.85 -14.81 19.72
C GLU C 189 -11.48 -14.83 19.04
N TYR C 190 -10.40 -14.81 19.82
CA TYR C 190 -9.09 -15.07 19.23
C TYR C 190 -9.04 -16.42 18.51
N GLU C 191 -9.68 -17.45 19.09
CA GLU C 191 -9.63 -18.76 18.44
C GLU C 191 -10.44 -18.79 17.17
N ARG C 192 -11.48 -17.96 17.08
CA ARG C 192 -12.38 -17.99 15.94
C ARG C 192 -11.69 -17.62 14.61
N HIS C 193 -10.47 -17.10 14.66
CA HIS C 193 -9.77 -16.65 13.46
C HIS C 193 -8.34 -17.17 13.45
N ASN C 194 -7.69 -17.11 12.28
CA ASN C 194 -6.39 -17.75 12.10
C ASN C 194 -5.24 -16.77 11.89
N SER C 195 -5.38 -15.81 10.98
CA SER C 195 -4.27 -14.92 10.66
C SER C 195 -4.52 -13.54 11.24
N TYR C 196 -3.49 -12.99 11.85
CA TYR C 196 -3.47 -11.66 12.44
C TYR C 196 -2.39 -10.85 11.73
N THR C 197 -2.73 -9.64 11.29
CA THR C 197 -1.79 -8.86 10.52
C THR C 197 -1.65 -7.47 11.11
N CYS C 198 -0.41 -6.99 11.20
CA CYS C 198 -0.14 -5.66 11.68
C CYS C 198 0.51 -4.89 10.55
N GLU C 199 -0.12 -3.79 10.17
CA GLU C 199 0.33 -2.97 9.06
C GLU C 199 0.76 -1.58 9.53
N ALA C 200 1.96 -1.18 9.15
CA ALA C 200 2.45 0.17 9.33
C ALA C 200 2.38 0.90 8.00
N THR C 201 1.48 1.85 7.87
CA THR C 201 1.32 2.57 6.60
C THR C 201 1.72 4.02 6.78
N HIS C 202 2.51 4.53 5.84
CA HIS C 202 2.97 5.90 5.88
C HIS C 202 2.49 6.68 4.66
N SER C 205 5.70 6.61 2.19
CA SER C 205 5.66 5.77 1.00
C SER C 205 4.24 5.32 0.65
N THR C 206 4.19 4.27 -0.19
CA THR C 206 2.94 3.65 -0.59
C THR C 206 2.89 2.16 -0.25
N SER C 207 4.04 1.54 0.00
CA SER C 207 4.09 0.10 0.27
C SER C 207 4.32 -0.14 1.76
N PRO C 208 3.35 -0.69 2.47
CA PRO C 208 3.41 -0.74 3.93
C PRO C 208 4.47 -1.69 4.45
N ILE C 209 4.77 -1.56 5.74
CA ILE C 209 5.55 -2.55 6.47
C ILE C 209 4.57 -3.40 7.26
N VAL C 210 4.74 -4.71 7.19
CA VAL C 210 3.71 -5.65 7.61
C VAL C 210 4.38 -6.85 8.27
N LYS C 211 3.79 -7.32 9.35
CA LYS C 211 4.07 -8.64 9.91
C LYS C 211 2.75 -9.34 10.17
N SER C 212 2.76 -10.67 9.96
CA SER C 212 1.61 -11.54 10.12
C SER C 212 2.00 -12.79 10.88
N PHE C 213 1.00 -13.41 11.50
CA PHE C 213 1.14 -14.72 12.11
C PHE C 213 -0.19 -15.45 11.94
N ASN C 214 -0.13 -16.78 11.93
CA ASN C 214 -1.29 -17.62 11.78
C ASN C 214 -1.44 -18.45 13.04
N ARG C 215 -2.59 -18.30 13.72
CA ARG C 215 -3.13 -19.25 14.73
C ARG C 215 -4.48 -18.76 15.27
N GLU D 1 22.64 24.67 45.22
CA GLU D 1 22.62 25.23 46.57
C GLU D 1 21.49 24.61 47.37
N ILE D 2 20.47 24.13 46.68
CA ILE D 2 19.34 23.52 47.36
C ILE D 2 18.81 22.39 46.47
N GLN D 3 18.52 21.25 47.07
CA GLN D 3 17.90 20.14 46.37
C GLN D 3 16.57 19.86 47.04
N LEU D 4 15.58 19.46 46.25
CA LEU D 4 14.22 19.33 46.72
C LEU D 4 13.77 17.91 46.42
N GLN D 5 13.26 17.24 47.44
CA GLN D 5 12.76 15.88 47.33
C GLN D 5 11.27 15.89 47.69
N GLN D 6 10.44 15.57 46.71
CA GLN D 6 8.98 15.52 46.90
C GLN D 6 8.54 14.12 47.31
N SER D 7 7.38 14.06 47.97
CA SER D 7 6.81 12.78 48.36
C SER D 7 6.36 11.96 47.13
N GLY D 8 6.14 10.67 47.35
CA GLY D 8 5.88 9.75 46.26
C GLY D 8 4.46 9.86 45.76
N PRO D 9 4.18 9.13 44.69
CA PRO D 9 2.83 9.19 44.10
C PRO D 9 1.77 8.72 45.09
N GLU D 10 0.57 9.30 44.96
CA GLU D 10 -0.51 9.07 45.90
C GLU D 10 -1.79 8.79 45.17
N LEU D 11 -2.52 7.79 45.64
CA LEU D 11 -3.89 7.52 45.23
C LEU D 11 -4.82 7.84 46.41
N VAL D 12 -5.80 8.70 46.18
CA VAL D 12 -6.72 9.13 47.24
C VAL D 12 -8.14 9.14 46.72
N LYS D 13 -9.08 8.80 47.59
CA LYS D 13 -10.46 8.81 47.17
C LYS D 13 -10.98 10.23 46.99
N PRO D 14 -11.90 10.43 46.07
CA PRO D 14 -12.47 11.77 45.88
C PRO D 14 -13.19 12.26 47.12
N GLY D 15 -13.13 13.56 47.32
CA GLY D 15 -13.82 14.20 48.44
C GLY D 15 -13.03 14.30 49.72
N THR D 16 -11.77 13.82 49.71
CA THR D 16 -10.88 13.87 50.84
C THR D 16 -9.82 14.95 50.62
N SER D 17 -8.83 15.00 51.49
CA SER D 17 -7.74 15.95 51.39
C SER D 17 -6.43 15.18 51.28
N VAL D 18 -5.45 15.79 50.66
CA VAL D 18 -4.15 15.17 50.54
C VAL D 18 -3.11 16.26 50.79
N LYS D 19 -1.96 15.83 51.31
CA LYS D 19 -0.83 16.70 51.56
C LYS D 19 0.39 16.17 50.80
N VAL D 20 1.06 17.05 50.07
CA VAL D 20 2.28 16.72 49.35
C VAL D 20 3.42 17.51 50.02
N SER D 21 4.59 16.89 50.16
CA SER D 21 5.72 17.53 50.84
C SER D 21 6.89 17.69 49.91
N CYS D 22 7.66 18.73 50.21
CA CYS D 22 8.86 19.13 49.49
C CYS D 22 9.94 19.27 50.57
N LYS D 23 10.84 18.29 50.70
CA LYS D 23 11.91 18.38 51.70
C LYS D 23 13.12 19.04 51.07
N ALA D 24 13.66 20.03 51.75
CA ALA D 24 14.81 20.77 51.24
C ALA D 24 16.05 20.30 51.96
N SER D 25 17.12 20.16 51.21
CA SER D 25 18.41 19.76 51.73
C SER D 25 19.46 20.55 50.98
N GLY D 26 20.61 20.72 51.62
CA GLY D 26 21.70 21.44 51.01
C GLY D 26 21.88 22.80 51.60
N TYR D 27 20.81 23.32 52.20
CA TYR D 27 20.78 24.66 52.75
C TYR D 27 19.38 24.90 53.33
N ALA D 28 19.34 25.80 54.31
CA ALA D 28 18.10 26.27 54.90
C ALA D 28 17.23 26.96 53.85
N LEU D 29 15.94 26.69 53.90
CA LEU D 29 15.01 27.29 52.96
C LEU D 29 14.49 28.66 53.41
N THR D 30 15.07 29.28 54.43
CA THR D 30 14.48 30.55 54.87
C THR D 30 14.68 31.64 53.82
N SER D 31 15.74 31.53 53.04
CA SER D 31 16.07 32.46 51.97
C SER D 31 15.27 32.23 50.68
N TYR D 32 14.72 31.05 50.46
CA TYR D 32 14.02 30.76 49.23
C TYR D 32 12.52 31.05 49.32
N THR D 33 11.93 31.45 48.20
CA THR D 33 10.49 31.50 48.03
C THR D 33 10.07 30.17 47.42
N MET D 34 9.06 29.53 48.01
CA MET D 34 8.59 28.25 47.52
C MET D 34 7.35 28.46 46.67
N TYR D 35 7.28 27.80 45.53
CA TYR D 35 6.04 27.81 44.79
C TYR D 35 5.76 26.44 44.22
N TRP D 36 4.51 26.26 43.85
CA TRP D 36 3.98 25.00 43.38
C TRP D 36 3.35 25.20 42.02
N VAL D 37 3.45 24.16 41.20
CA VAL D 37 2.98 24.19 39.82
C VAL D 37 2.23 22.88 39.56
N LYS D 38 1.11 22.97 38.84
CA LYS D 38 0.33 21.80 38.44
C LYS D 38 0.55 21.51 36.95
N GLN D 39 0.72 20.25 36.60
CA GLN D 39 0.80 19.88 35.20
C GLN D 39 -0.02 18.63 34.95
N SER D 40 -1.12 18.78 34.23
CA SER D 40 -1.92 17.64 33.85
C SER D 40 -1.27 16.90 32.69
N HIS D 41 -1.52 15.58 32.63
CA HIS D 41 -0.85 14.72 31.66
C HIS D 41 -0.86 15.35 30.28
N GLY D 42 0.33 15.63 29.77
CA GLY D 42 0.49 16.24 28.46
C GLY D 42 -0.07 17.64 28.36
N LYS D 43 0.25 18.49 29.35
CA LYS D 43 -0.31 19.83 29.35
C LYS D 43 0.68 20.84 29.85
N SER D 44 0.16 22.04 30.00
CA SER D 44 1.01 23.16 30.31
C SER D 44 1.16 23.34 31.80
N LEU D 45 2.13 24.17 32.15
CA LEU D 45 2.43 24.44 33.55
C LEU D 45 1.46 25.44 34.10
N GLU D 46 0.92 25.16 35.27
CA GLU D 46 -0.08 26.00 35.89
C GLU D 46 0.43 26.39 37.27
N TRP D 47 0.55 27.70 37.53
CA TRP D 47 1.05 28.17 38.81
C TRP D 47 -0.04 28.06 39.85
N ILE D 48 0.26 27.39 40.97
CA ILE D 48 -0.72 27.28 42.04
C ILE D 48 -0.59 28.43 43.02
N GLY D 49 0.61 28.68 43.51
CA GLY D 49 0.83 29.74 44.48
C GLY D 49 2.24 29.70 45.00
N TYR D 50 2.59 30.72 45.77
CA TYR D 50 3.88 30.77 46.43
C TYR D 50 3.74 31.11 47.90
N ILE D 51 4.78 30.83 48.69
CA ILE D 51 4.81 31.23 50.10
C ILE D 51 6.21 31.74 50.44
N ASP D 52 6.26 32.90 51.09
CA ASP D 52 7.50 33.43 51.66
C ASP D 52 7.67 32.80 53.04
N PRO D 53 8.65 31.89 53.21
CA PRO D 53 8.82 31.22 54.51
C PRO D 53 9.24 32.13 55.64
N TYR D 54 9.78 33.31 55.33
CA TYR D 54 10.19 34.17 56.41
C TYR D 54 8.99 34.64 57.21
N ASN D 55 8.00 35.19 56.52
CA ASN D 55 6.85 35.73 57.23
C ASN D 55 5.58 34.91 57.03
N GLY D 56 5.62 33.84 56.27
CA GLY D 56 4.43 33.05 56.03
C GLY D 56 3.44 33.59 55.01
N GLY D 57 3.71 34.75 54.40
CA GLY D 57 2.80 35.30 53.42
C GLY D 57 2.69 34.39 52.20
N THR D 58 1.53 34.45 51.53
CA THR D 58 1.22 33.55 50.44
C THR D 58 0.52 34.33 49.34
N SER D 59 0.62 33.85 48.12
CA SER D 59 -0.15 34.40 47.02
C SER D 59 -0.67 33.22 46.22
N TYR D 60 -1.96 33.24 45.89
CA TYR D 60 -2.54 32.09 45.22
C TYR D 60 -3.10 32.46 43.86
N ASN D 61 -3.02 31.49 42.95
CA ASN D 61 -3.79 31.56 41.73
C ASN D 61 -5.27 31.46 42.05
N GLN D 62 -6.07 32.36 41.50
CA GLN D 62 -7.48 32.38 41.85
C GLN D 62 -8.23 31.11 41.45
N LYS D 63 -7.81 30.43 40.38
CA LYS D 63 -8.34 29.12 40.03
C LYS D 63 -8.15 28.09 41.14
N PHE D 64 -7.19 28.29 42.04
CA PHE D 64 -6.85 27.35 43.11
C PHE D 64 -7.12 27.93 44.49
N LYS D 65 -7.75 29.10 44.57
CA LYS D 65 -7.98 29.76 45.85
C LYS D 65 -8.57 28.78 46.87
N GLY D 66 -9.67 28.12 46.51
CA GLY D 66 -10.22 27.14 47.42
C GLY D 66 -9.40 25.88 47.57
N LYS D 67 -8.61 25.51 46.56
CA LYS D 67 -8.16 24.13 46.46
C LYS D 67 -6.94 23.83 47.32
N ALA D 68 -5.98 24.76 47.37
CA ALA D 68 -4.65 24.47 47.89
C ALA D 68 -4.28 25.39 49.04
N THR D 69 -3.51 24.85 49.98
CA THR D 69 -3.05 25.63 51.14
C THR D 69 -1.57 25.36 51.33
N LEU D 70 -0.75 26.41 51.33
CA LEU D 70 0.69 26.24 51.46
C LEU D 70 1.20 26.52 52.87
N THR D 71 2.17 25.71 53.31
CA THR D 71 2.88 25.90 54.57
C THR D 71 4.36 25.54 54.42
N VAL D 72 5.21 26.08 55.28
CA VAL D 72 6.60 25.62 55.37
C VAL D 72 6.90 25.35 56.82
N ASP D 73 7.55 24.24 57.08
CA ASP D 73 8.01 23.88 58.43
C ASP D 73 9.52 24.19 58.47
N LYS D 74 9.91 25.33 59.06
CA LYS D 74 11.32 25.68 59.15
C LYS D 74 12.12 24.61 59.87
N SER D 75 11.57 24.03 60.92
CA SER D 75 12.34 23.06 61.71
C SER D 75 12.82 21.89 60.84
N SER D 76 11.98 21.38 59.96
CA SER D 76 12.34 20.24 59.12
C SER D 76 12.65 20.63 57.69
N SER D 77 12.72 21.92 57.38
CA SER D 77 13.03 22.38 56.02
C SER D 77 12.13 21.71 54.99
N THR D 78 10.84 21.64 55.31
CA THR D 78 9.91 20.98 54.41
C THR D 78 8.77 21.92 54.12
N ALA D 79 8.47 22.08 52.84
CA ALA D 79 7.32 22.82 52.36
C ALA D 79 6.18 21.84 52.08
N TYR D 80 4.96 22.27 52.35
CA TYR D 80 3.82 21.40 52.17
C TYR D 80 2.77 22.07 51.31
N MET D 81 2.07 21.27 50.51
CA MET D 81 0.89 21.72 49.82
C MET D 81 -0.26 20.79 50.18
N HIS D 82 -1.25 21.33 50.86
CA HIS D 82 -2.50 20.61 51.12
C HIS D 82 -3.47 20.88 49.98
N LEU D 83 -4.06 19.82 49.43
CA LEU D 83 -5.16 19.89 48.47
C LEU D 83 -6.44 19.35 49.10
N ASN D 84 -7.52 20.13 49.01
N ASN D 84 -7.51 20.16 49.08
CA ASN D 84 -8.76 19.88 49.73
CA ASN D 84 -8.78 19.86 49.73
C ASN D 84 -9.90 19.57 48.76
C ASN D 84 -9.85 19.48 48.73
N SER D 85 -10.90 18.84 49.24
CA SER D 85 -12.09 18.46 48.45
C SER D 85 -11.73 17.90 47.09
N LEU D 86 -10.95 16.82 47.10
CA LEU D 86 -10.35 16.34 45.87
C LEU D 86 -11.41 15.79 44.93
N THR D 87 -11.26 16.13 43.66
CA THR D 87 -12.03 15.53 42.59
C THR D 87 -11.04 15.07 41.53
N SER D 88 -11.57 14.36 40.54
CA SER D 88 -10.73 13.78 39.50
C SER D 88 -9.95 14.84 38.73
N GLU D 89 -10.47 16.07 38.67
N GLU D 89 -10.48 16.07 38.66
CA GLU D 89 -9.72 17.15 38.03
CA GLU D 89 -9.74 17.17 38.03
C GLU D 89 -8.40 17.43 38.73
C GLU D 89 -8.44 17.48 38.75
N ASP D 90 -8.32 17.14 40.03
CA ASP D 90 -7.08 17.35 40.75
C ASP D 90 -6.02 16.30 40.42
N SER D 91 -6.36 15.26 39.67
CA SER D 91 -5.35 14.29 39.26
C SER D 91 -4.36 14.96 38.31
N ALA D 92 -3.08 14.94 38.69
CA ALA D 92 -2.03 15.61 37.93
C ALA D 92 -0.67 15.37 38.55
N VAL D 93 0.37 15.91 37.91
CA VAL D 93 1.69 16.03 38.50
C VAL D 93 1.80 17.40 39.17
N TYR D 94 2.32 17.42 40.40
CA TYR D 94 2.53 18.65 41.15
C TYR D 94 4.01 18.85 41.40
N TYR D 95 4.50 20.02 41.02
CA TYR D 95 5.88 20.36 41.23
C TYR D 95 6.04 21.38 42.34
N CYS D 96 7.15 21.23 42.99
CA CYS D 96 7.61 22.12 44.02
C CYS D 96 8.85 22.80 43.48
N ALA D 97 8.96 24.12 43.68
CA ALA D 97 10.17 24.85 43.28
C ALA D 97 10.51 25.90 44.33
N GLY D 98 11.78 26.24 44.43
CA GLY D 98 12.21 27.24 45.38
C GLY D 98 13.23 28.15 44.73
N TRP D 99 13.20 29.42 45.10
CA TRP D 99 14.08 30.37 44.42
C TRP D 99 14.44 31.57 45.29
N ASN D 100 15.58 32.15 44.98
CA ASN D 100 15.95 33.49 45.38
C ASN D 100 16.78 34.07 44.25
N ARG D 101 17.36 35.23 44.46
CA ARG D 101 17.96 35.84 43.29
C ARG D 101 19.29 35.22 42.89
N TYR D 102 19.78 34.23 43.63
CA TYR D 102 20.98 33.50 43.18
C TYR D 102 20.66 32.17 42.54
N ASP D 103 19.57 31.52 42.90
CA ASP D 103 19.45 30.11 42.58
C ASP D 103 17.99 29.70 42.60
N GLU D 104 17.63 28.76 41.71
CA GLU D 104 16.31 28.15 41.70
C GLU D 104 16.44 26.65 41.53
N ASP D 105 15.59 25.91 42.25
CA ASP D 105 15.62 24.46 42.11
C ASP D 105 14.20 23.92 42.11
N TRP D 106 14.02 22.79 41.43
CA TRP D 106 12.73 22.14 41.36
C TRP D 106 12.79 20.74 41.94
N GLY D 107 11.69 20.32 42.54
CA GLY D 107 11.53 18.94 42.95
C GLY D 107 11.22 18.07 41.75
N GLN D 108 11.27 16.76 41.97
CA GLN D 108 11.09 15.83 40.86
C GLN D 108 9.64 15.71 40.41
N GLY D 109 8.70 16.11 41.24
CA GLY D 109 7.29 16.04 40.93
C GLY D 109 6.61 14.97 41.76
N THR D 110 5.32 15.18 42.03
CA THR D 110 4.50 14.21 42.74
C THR D 110 3.25 13.97 41.91
N THR D 111 2.97 12.72 41.56
CA THR D 111 1.79 12.37 40.76
C THR D 111 0.62 12.01 41.66
N LEU D 112 -0.48 12.73 41.50
CA LEU D 112 -1.65 12.51 42.31
C LEU D 112 -2.75 11.91 41.44
N THR D 113 -3.35 10.83 41.93
CA THR D 113 -4.46 10.16 41.27
C THR D 113 -5.63 10.17 42.23
N VAL D 114 -6.74 10.76 41.82
CA VAL D 114 -7.94 10.81 42.65
C VAL D 114 -8.96 9.87 42.01
N SER D 115 -9.17 8.69 42.60
CA SER D 115 -10.09 7.72 42.02
C SER D 115 -10.69 6.86 43.11
N SER D 116 -11.92 6.38 42.88
CA SER D 116 -12.54 5.39 43.76
C SER D 116 -11.97 3.99 43.53
N ALA D 117 -11.28 3.78 42.41
CA ALA D 117 -10.88 2.44 42.00
C ALA D 117 -9.95 1.79 43.02
N LYS D 118 -9.84 0.48 42.91
CA LYS D 118 -9.06 -0.32 43.83
C LYS D 118 -7.70 -0.66 43.22
N THR D 119 -6.67 -0.55 44.06
CA THR D 119 -5.34 -1.01 43.70
C THR D 119 -5.37 -2.45 43.19
N THR D 120 -4.68 -2.69 42.07
CA THR D 120 -4.66 -4.01 41.48
C THR D 120 -3.30 -4.35 40.88
N PRO D 121 -2.71 -5.50 41.21
CA PRO D 121 -1.37 -5.83 40.67
C PRO D 121 -1.46 -6.13 39.19
N PRO D 122 -0.37 -5.98 38.45
CA PRO D 122 -0.40 -6.28 37.01
C PRO D 122 -0.22 -7.76 36.72
N SER D 123 -0.89 -8.20 35.66
CA SER D 123 -0.53 -9.47 35.04
C SER D 123 0.61 -9.21 34.06
N VAL D 124 1.70 -9.96 34.19
CA VAL D 124 2.88 -9.81 33.34
C VAL D 124 2.97 -11.02 32.41
N TYR D 125 2.83 -10.76 31.11
CA TYR D 125 2.88 -11.80 30.08
C TYR D 125 4.11 -11.59 29.22
N PRO D 126 4.92 -12.63 28.98
CA PRO D 126 6.07 -12.47 28.10
C PRO D 126 5.66 -12.47 26.63
N LEU D 127 6.42 -11.71 25.83
CA LEU D 127 6.22 -11.63 24.39
C LEU D 127 7.50 -12.12 23.75
N ALA D 128 7.46 -13.34 23.21
CA ALA D 128 8.55 -13.99 22.51
C ALA D 128 8.21 -14.14 21.04
N PRO D 129 9.21 -14.18 20.15
CA PRO D 129 8.95 -14.18 18.71
C PRO D 129 8.05 -15.30 18.21
N ASN D 136 17.06 -11.90 11.63
CA ASN D 136 18.37 -12.56 11.50
C ASN D 136 19.42 -11.91 12.42
N SER D 137 19.67 -10.62 12.22
CA SER D 137 20.75 -9.96 12.95
C SER D 137 20.34 -9.65 14.40
N MET D 138 19.17 -9.06 14.60
CA MET D 138 18.71 -8.72 15.94
C MET D 138 17.30 -9.24 16.14
N VAL D 139 16.96 -9.55 17.38
CA VAL D 139 15.64 -10.05 17.75
C VAL D 139 15.02 -9.11 18.78
N THR D 140 13.71 -8.94 18.67
CA THR D 140 12.95 -8.08 19.55
C THR D 140 12.08 -8.96 20.42
N LEU D 141 12.18 -8.76 21.73
CA LEU D 141 11.39 -9.43 22.75
C LEU D 141 10.51 -8.41 23.44
N GLY D 142 9.50 -8.89 24.15
CA GLY D 142 8.59 -7.95 24.79
C GLY D 142 7.99 -8.45 26.08
N CYS D 143 7.57 -7.50 26.91
CA CYS D 143 6.81 -7.81 28.11
C CYS D 143 5.52 -7.01 28.08
N LEU D 144 4.43 -7.66 28.45
CA LEU D 144 3.13 -7.02 28.50
C LEU D 144 2.64 -7.01 29.94
N VAL D 145 2.38 -5.82 30.47
CA VAL D 145 1.89 -5.68 31.83
C VAL D 145 0.46 -5.14 31.73
N LYS D 146 -0.49 -5.87 32.31
CA LYS D 146 -1.90 -5.62 32.01
C LYS D 146 -2.74 -5.66 33.28
N GLY D 147 -3.79 -4.84 33.27
CA GLY D 147 -4.77 -4.76 34.35
C GLY D 147 -4.24 -4.28 35.69
N TYR D 148 -3.45 -3.20 35.70
CA TYR D 148 -2.91 -2.70 36.95
C TYR D 148 -3.44 -1.30 37.24
N PHE D 149 -3.50 -0.98 38.54
CA PHE D 149 -3.95 0.31 39.01
C PHE D 149 -3.37 0.50 40.39
N PRO D 150 -2.88 1.70 40.74
CA PRO D 150 -2.80 2.88 39.88
C PRO D 150 -1.46 2.88 39.23
N GLU D 151 -1.15 3.93 38.48
CA GLU D 151 0.19 4.13 38.00
C GLU D 151 1.07 4.42 39.21
N PRO D 152 2.38 4.16 39.12
CA PRO D 152 3.22 3.71 38.00
C PRO D 152 3.58 2.22 38.08
N VAL D 153 4.24 1.77 37.03
CA VAL D 153 4.88 0.46 36.99
C VAL D 153 6.31 0.72 36.54
N THR D 154 7.23 -0.11 37.00
CA THR D 154 8.63 0.00 36.63
C THR D 154 9.04 -1.27 35.87
N VAL D 155 9.49 -1.09 34.63
CA VAL D 155 9.98 -2.19 33.82
C VAL D 155 11.49 -2.02 33.61
N THR D 156 12.24 -3.07 33.97
CA THR D 156 13.67 -3.16 33.72
C THR D 156 13.93 -4.50 33.04
N TRP D 157 14.98 -4.57 32.25
CA TRP D 157 15.30 -5.79 31.52
C TRP D 157 16.60 -6.38 32.03
N ASN D 158 16.53 -7.63 32.49
CA ASN D 158 17.63 -8.29 33.19
C ASN D 158 18.11 -7.44 34.38
N SER D 159 17.16 -7.02 35.23
CA SER D 159 17.46 -6.25 36.45
C SER D 159 18.28 -5.00 36.15
N GLY D 160 17.96 -4.34 35.04
CA GLY D 160 18.61 -3.11 34.63
C GLY D 160 19.90 -3.29 33.87
N SER D 161 20.35 -4.53 33.68
CA SER D 161 21.60 -4.77 32.96
C SER D 161 21.47 -4.41 31.49
N LEU D 162 20.27 -4.55 30.93
CA LEU D 162 19.99 -4.23 29.54
C LEU D 162 19.30 -2.87 29.47
N SER D 163 19.97 -1.86 28.92
CA SER D 163 19.35 -0.56 28.73
C SER D 163 19.37 -0.06 27.30
N SER D 164 20.28 -0.57 26.44
CA SER D 164 20.53 0.09 25.16
C SER D 164 19.32 0.04 24.24
N GLY D 165 18.67 -1.13 24.16
CA GLY D 165 17.59 -1.35 23.19
C GLY D 165 16.19 -1.48 23.75
N VAL D 166 15.89 -0.75 24.84
CA VAL D 166 14.59 -0.82 25.49
C VAL D 166 13.69 0.30 24.98
N HIS D 167 12.41 0.00 24.87
CA HIS D 167 11.34 0.98 24.63
C HIS D 167 10.21 0.64 25.58
N THR D 168 9.94 1.47 26.57
CA THR D 168 8.78 1.24 27.42
C THR D 168 7.72 2.26 27.05
N PHE D 169 6.54 1.79 26.76
CA PHE D 169 5.55 2.67 26.18
C PHE D 169 4.60 3.15 27.24
N PRO D 170 4.13 4.40 27.09
CA PRO D 170 3.17 4.97 28.04
C PRO D 170 1.98 4.05 28.24
N ALA D 171 1.56 3.94 29.50
CA ALA D 171 0.38 3.13 29.77
C ALA D 171 -0.85 3.79 29.17
N VAL D 172 -1.84 2.96 28.92
CA VAL D 172 -3.13 3.42 28.43
C VAL D 172 -4.15 2.92 29.43
N LEU D 173 -5.21 3.69 29.60
CA LEU D 173 -6.14 3.43 30.68
C LEU D 173 -7.44 3.01 30.03
N GLN D 174 -7.96 1.87 30.42
CA GLN D 174 -9.27 1.47 29.95
C GLN D 174 -9.97 0.64 31.01
N SER D 175 -11.27 0.83 31.12
CA SER D 175 -12.12 0.12 32.08
C SER D 175 -11.47 0.13 33.46
N ASP D 176 -10.88 1.26 33.82
CA ASP D 176 -10.35 1.50 35.14
C ASP D 176 -9.04 0.77 35.39
N LEU D 177 -8.39 0.28 34.35
CA LEU D 177 -7.14 -0.47 34.49
C LEU D 177 -6.15 0.03 33.46
N TYR D 178 -4.87 -0.02 33.82
CA TYR D 178 -3.80 0.39 32.96
C TYR D 178 -3.15 -0.81 32.25
N THR D 179 -2.64 -0.55 31.05
CA THR D 179 -1.85 -1.50 30.30
C THR D 179 -0.70 -0.79 29.62
N LEU D 180 0.48 -1.38 29.69
CA LEU D 180 1.62 -0.92 28.91
C LEU D 180 2.43 -2.14 28.46
N SER D 181 3.34 -1.89 27.54
CA SER D 181 4.24 -2.92 27.06
C SER D 181 5.61 -2.30 26.91
N SER D 182 6.64 -3.14 26.98
CA SER D 182 7.99 -2.68 26.70
C SER D 182 8.67 -3.75 25.84
N SER D 183 9.65 -3.30 25.05
CA SER D 183 10.32 -4.16 24.09
C SER D 183 11.82 -4.04 24.26
N VAL D 184 12.53 -5.15 24.04
CA VAL D 184 13.98 -5.18 24.02
C VAL D 184 14.46 -5.72 22.69
N THR D 185 15.42 -5.01 22.09
CA THR D 185 16.14 -5.48 20.92
C THR D 185 17.51 -5.97 21.38
N VAL D 186 17.81 -7.24 21.08
CA VAL D 186 19.11 -7.81 21.43
C VAL D 186 19.66 -8.51 20.19
N PRO D 187 20.98 -8.68 20.12
CA PRO D 187 21.56 -9.51 19.06
C PRO D 187 21.10 -10.95 19.18
N SER D 188 20.95 -11.62 18.02
CA SER D 188 20.57 -13.03 18.03
C SER D 188 21.61 -13.90 18.70
N SER D 189 22.88 -13.49 18.73
CA SER D 189 23.86 -14.23 19.49
C SER D 189 23.55 -14.17 21.00
N THR D 190 23.05 -13.02 21.48
CA THR D 190 22.75 -12.84 22.90
C THR D 190 21.66 -13.80 23.39
N TRP D 191 20.64 -14.04 22.56
CA TRP D 191 19.39 -14.73 22.91
C TRP D 191 19.07 -15.72 21.80
N PRO D 192 18.59 -16.92 22.15
CA PRO D 192 18.28 -17.49 23.45
C PRO D 192 19.48 -18.10 24.14
N SER D 193 20.71 -17.91 23.63
CA SER D 193 21.88 -18.54 24.23
C SER D 193 22.00 -18.17 25.70
N GLU D 194 21.85 -16.89 26.03
CA GLU D 194 21.76 -16.40 27.39
C GLU D 194 20.33 -15.99 27.69
N THR D 195 20.06 -15.78 28.97
CA THR D 195 18.69 -15.63 29.45
C THR D 195 18.30 -14.15 29.40
N VAL D 196 17.02 -13.91 29.11
CA VAL D 196 16.47 -12.56 29.08
C VAL D 196 15.16 -12.56 29.83
N THR D 197 15.11 -11.86 30.95
CA THR D 197 13.89 -11.73 31.74
C THR D 197 13.55 -10.27 31.92
N CYS D 198 12.26 -9.97 32.03
CA CYS D 198 11.81 -8.62 32.31
C CYS D 198 11.29 -8.60 33.74
N ASN D 199 11.67 -7.57 34.48
CA ASN D 199 11.25 -7.38 35.88
C ASN D 199 10.30 -6.20 35.96
N VAL D 200 9.09 -6.45 36.45
CA VAL D 200 8.02 -5.47 36.55
C VAL D 200 7.78 -5.17 38.02
N ALA D 201 7.74 -3.89 38.38
CA ALA D 201 7.55 -3.48 39.76
C ALA D 201 6.32 -2.60 39.87
N HIS D 202 5.41 -2.99 40.74
CA HIS D 202 4.20 -2.22 41.03
C HIS D 202 4.21 -1.92 42.52
N PRO D 203 4.83 -0.81 42.92
CA PRO D 203 4.88 -0.47 44.35
C PRO D 203 3.51 -0.41 45.00
N ALA D 204 2.54 0.22 44.36
CA ALA D 204 1.23 0.44 44.98
C ALA D 204 0.64 -0.84 45.55
N SER D 205 0.78 -1.94 44.83
CA SER D 205 0.38 -3.24 45.35
C SER D 205 1.56 -4.00 45.93
N SER D 206 2.74 -3.38 45.95
CA SER D 206 3.95 -3.99 46.50
C SER D 206 4.21 -5.36 45.88
N THR D 207 4.26 -5.40 44.56
CA THR D 207 4.55 -6.65 43.85
C THR D 207 5.72 -6.43 42.91
N LYS D 208 6.65 -7.38 42.92
CA LYS D 208 7.77 -7.46 42.00
C LYS D 208 7.68 -8.79 41.29
N VAL D 209 7.86 -8.78 39.95
CA VAL D 209 7.67 -9.98 39.14
C VAL D 209 8.79 -10.09 38.12
N ASP D 210 9.29 -11.31 37.93
CA ASP D 210 10.29 -11.66 36.93
C ASP D 210 9.67 -12.61 35.90
N LYS D 211 9.86 -12.32 34.63
CA LYS D 211 9.33 -13.15 33.55
C LYS D 211 10.43 -13.46 32.57
N LYS D 212 10.79 -14.73 32.45
CA LYS D 212 11.79 -15.12 31.48
C LYS D 212 11.13 -15.24 30.12
N ILE D 213 11.77 -14.69 29.10
CA ILE D 213 11.27 -14.82 27.74
C ILE D 213 11.81 -16.13 27.18
N VAL D 214 10.92 -16.99 26.73
CA VAL D 214 11.28 -18.32 26.26
C VAL D 214 10.56 -18.49 24.93
N PRO D 215 11.21 -19.09 23.92
CA PRO D 215 10.63 -19.30 22.58
C PRO D 215 9.40 -20.19 22.60
N ASP E 1 1.40 -6.73 -13.67
CA ASP E 1 1.85 -6.08 -14.90
C ASP E 1 2.19 -4.60 -14.73
N ILE E 2 1.95 -3.83 -15.78
CA ILE E 2 2.32 -2.42 -15.79
C ILE E 2 1.24 -1.64 -15.06
N VAL E 3 1.63 -0.96 -13.98
CA VAL E 3 0.72 -0.16 -13.17
C VAL E 3 1.07 1.30 -13.36
N LEU E 4 0.06 2.14 -13.57
CA LEU E 4 0.29 3.56 -13.72
C LEU E 4 -0.42 4.29 -12.59
N THR E 5 0.31 5.19 -11.94
CA THR E 5 -0.23 5.94 -10.82
C THR E 5 -0.15 7.42 -11.13
N GLN E 6 -1.30 8.05 -11.14
CA GLN E 6 -1.42 9.46 -11.50
C GLN E 6 -1.68 10.26 -10.25
N SER E 7 -0.95 11.35 -10.07
CA SER E 7 -1.13 12.22 -8.96
C SER E 7 -0.91 13.64 -9.46
N PRO E 8 -1.68 14.61 -8.94
CA PRO E 8 -2.74 14.36 -7.97
C PRO E 8 -3.98 13.79 -8.65
N ALA E 9 -4.99 13.39 -7.88
CA ALA E 9 -6.25 12.98 -8.51
C ALA E 9 -6.99 14.18 -9.09
N SER E 10 -6.98 15.31 -8.39
CA SER E 10 -7.67 16.52 -8.83
C SER E 10 -6.76 17.72 -8.58
N LEU E 11 -6.91 18.75 -9.41
CA LEU E 11 -6.02 19.90 -9.40
C LEU E 11 -6.80 21.18 -9.68
N ALA E 12 -6.67 22.16 -8.78
CA ALA E 12 -7.26 23.49 -8.96
C ALA E 12 -6.16 24.54 -9.08
N VAL E 13 -6.17 25.30 -10.17
CA VAL E 13 -5.14 26.29 -10.45
C VAL E 13 -5.82 27.52 -11.06
N SER E 14 -5.33 28.71 -10.70
CA SER E 14 -5.84 29.94 -11.27
C SER E 14 -5.16 30.22 -12.61
N LEU E 15 -5.85 31.00 -13.43
CA LEU E 15 -5.39 31.30 -14.78
C LEU E 15 -3.97 31.88 -14.77
N GLY E 16 -3.21 31.58 -15.83
CA GLY E 16 -1.88 32.10 -16.04
C GLY E 16 -0.76 31.41 -15.28
N GLN E 17 -1.07 30.38 -14.50
CA GLN E 17 -0.11 29.84 -13.55
C GLN E 17 0.31 28.44 -13.97
N ARG E 18 1.11 27.78 -13.14
CA ARG E 18 1.85 26.61 -13.56
C ARG E 18 1.26 25.37 -12.88
N ALA E 19 0.69 24.47 -13.67
CA ALA E 19 0.14 23.21 -13.18
C ALA E 19 0.96 22.04 -13.72
N THR E 20 1.25 21.07 -12.83
CA THR E 20 2.04 19.89 -13.19
C THR E 20 1.32 18.62 -12.74
N ILE E 21 1.26 17.65 -13.64
CA ILE E 21 0.59 16.39 -13.40
C ILE E 21 1.69 15.34 -13.35
N SER E 22 1.57 14.37 -12.46
CA SER E 22 2.56 13.31 -12.36
C SER E 22 1.96 11.94 -12.67
N CYS E 23 2.79 11.09 -13.25
CA CYS E 23 2.42 9.71 -13.55
C CYS E 23 3.66 8.89 -13.24
N ARG E 24 3.52 7.89 -12.37
CA ARG E 24 4.61 6.98 -12.02
C ARG E 24 4.21 5.57 -12.42
N THR E 25 5.21 4.80 -12.87
CA THR E 25 4.99 3.53 -13.53
C THR E 25 5.83 2.46 -12.87
N SER E 26 5.29 1.24 -12.85
CA SER E 26 6.04 0.09 -12.35
C SER E 26 7.12 -0.38 -13.34
N GLU E 27 6.93 -0.15 -14.62
CA GLU E 27 7.86 -0.62 -15.65
C GLU E 27 8.60 0.58 -16.24
N THR E 28 9.93 0.59 -16.07
CA THR E 28 10.78 1.64 -16.61
C THR E 28 10.82 1.60 -18.12
N ILE E 29 11.05 2.76 -18.73
CA ILE E 29 11.01 2.87 -20.19
C ILE E 29 12.41 2.87 -20.77
N ASP E 30 12.55 2.16 -21.90
CA ASP E 30 13.84 1.83 -22.49
C ASP E 30 14.34 2.97 -23.35
N SER E 31 13.42 3.73 -23.94
CA SER E 31 13.83 4.64 -24.96
C SER E 31 14.56 4.00 -26.13
N ASN E 34 9.72 0.82 -28.76
CA ASN E 34 9.23 -0.24 -27.88
C ASN E 34 8.23 0.24 -26.84
N SER E 35 8.70 0.90 -25.78
CA SER E 35 7.80 1.41 -24.75
C SER E 35 7.76 2.93 -24.82
N PHE E 36 6.56 3.49 -24.58
CA PHE E 36 6.34 4.92 -24.72
C PHE E 36 5.43 5.43 -23.62
N MET E 37 5.64 6.69 -23.26
CA MET E 37 4.78 7.45 -22.37
C MET E 37 4.19 8.63 -23.13
N HIS E 38 2.89 8.88 -22.93
CA HIS E 38 2.24 10.01 -23.59
C HIS E 38 1.14 10.53 -22.69
N TRP E 39 0.59 11.67 -23.07
CA TRP E 39 -0.41 12.33 -22.27
C TRP E 39 -1.64 12.60 -23.12
N TYR E 40 -2.81 12.49 -22.48
CA TYR E 40 -4.08 12.75 -23.14
C TYR E 40 -4.89 13.77 -22.34
N GLN E 41 -5.67 14.54 -23.09
CA GLN E 41 -6.57 15.53 -22.54
C GLN E 41 -7.97 15.18 -23.00
N GLN E 42 -8.94 15.23 -22.09
CA GLN E 42 -10.33 14.89 -22.44
C GLN E 42 -11.25 15.95 -21.85
N LYS E 43 -11.66 16.92 -22.69
CA LYS E 43 -12.58 17.98 -22.33
C LYS E 43 -14.00 17.41 -22.22
N PRO E 44 -14.87 18.00 -21.39
CA PRO E 44 -16.14 17.35 -21.07
C PRO E 44 -16.93 16.92 -22.30
N GLY E 45 -17.37 15.67 -22.30
CA GLY E 45 -18.21 15.18 -23.38
C GLY E 45 -17.53 15.01 -24.71
N GLN E 46 -16.20 14.95 -24.75
CA GLN E 46 -15.47 14.82 -26.00
C GLN E 46 -14.46 13.68 -25.93
N PRO E 47 -13.96 13.23 -27.08
CA PRO E 47 -12.96 12.17 -27.08
C PRO E 47 -11.71 12.62 -26.35
N PRO E 48 -11.00 11.70 -25.70
CA PRO E 48 -9.60 11.97 -25.35
C PRO E 48 -8.82 12.41 -26.57
N LYS E 49 -7.75 13.16 -26.34
CA LYS E 49 -6.97 13.74 -27.44
C LYS E 49 -5.50 13.65 -27.07
N LEU E 50 -4.70 13.02 -27.92
CA LEU E 50 -3.26 12.99 -27.68
C LEU E 50 -2.73 14.42 -27.67
N LEU E 51 -1.78 14.70 -26.76
CA LEU E 51 -1.14 16.00 -26.66
C LEU E 51 0.20 15.96 -27.40
N ILE E 52 0.34 16.83 -28.39
CA ILE E 52 1.55 16.95 -29.19
C ILE E 52 2.07 18.36 -29.00
N TYR E 53 3.38 18.48 -28.77
CA TYR E 53 4.02 19.79 -28.62
C TYR E 53 5.05 19.96 -29.72
N ARG E 54 4.78 20.91 -30.62
CA ARG E 54 5.78 21.43 -31.56
C ARG E 54 6.38 20.32 -32.42
N ALA E 55 5.52 19.48 -33.00
CA ALA E 55 5.98 18.43 -33.90
C ALA E 55 6.68 19.02 -35.11
N SER E 56 7.92 18.60 -35.35
CA SER E 56 8.74 19.06 -36.46
C SER E 56 8.79 18.07 -37.60
N ASN E 57 9.19 16.82 -37.30
CA ASN E 57 9.31 15.74 -38.28
C ASN E 57 9.71 16.20 -39.71
N ALA E 64 4.95 26.23 -26.91
CA ALA E 64 4.02 25.20 -26.43
C ALA E 64 3.64 25.42 -24.97
N ARG E 65 2.35 25.55 -24.71
CA ARG E 65 1.86 25.62 -23.34
C ARG E 65 2.02 24.29 -22.60
N PHE E 66 2.01 23.18 -23.31
CA PHE E 66 2.08 21.84 -22.72
C PHE E 66 3.47 21.24 -22.91
N SER E 67 4.00 20.63 -21.85
CA SER E 67 5.26 19.92 -21.97
C SER E 67 5.32 18.78 -20.97
N GLY E 68 6.01 17.71 -21.37
CA GLY E 68 6.28 16.57 -20.51
C GLY E 68 7.78 16.51 -20.29
N SER E 69 8.19 16.12 -19.06
CA SER E 69 9.61 16.06 -18.70
C SER E 69 9.92 14.80 -17.92
N GLY E 70 9.22 13.72 -18.26
CA GLY E 70 9.37 12.48 -17.52
C GLY E 70 10.74 11.83 -17.64
N SER E 71 11.08 11.10 -16.59
CA SER E 71 12.31 10.33 -16.46
C SER E 71 11.91 8.90 -16.16
N ARG E 72 12.72 7.94 -16.60
CA ARG E 72 12.42 6.52 -16.37
C ARG E 72 11.79 6.32 -15.00
N THR E 73 10.61 5.68 -15.00
CA THR E 73 9.75 5.44 -13.84
C THR E 73 8.87 6.64 -13.49
N ASP E 74 9.33 7.87 -13.73
CA ASP E 74 8.59 9.05 -13.28
C ASP E 74 8.31 10.02 -14.42
N PHE E 75 7.05 10.33 -14.65
CA PHE E 75 6.70 11.21 -15.76
C PHE E 75 5.78 12.34 -15.35
N THR E 76 6.07 13.54 -15.85
CA THR E 76 5.31 14.72 -15.47
C THR E 76 4.80 15.44 -16.72
N LEU E 77 3.57 15.93 -16.64
CA LEU E 77 3.03 16.87 -17.61
C LEU E 77 2.83 18.22 -16.92
N THR E 78 3.40 19.28 -17.50
CA THR E 78 3.24 20.63 -16.96
C THR E 78 2.51 21.49 -17.98
N ILE E 79 1.52 22.25 -17.50
CA ILE E 79 0.77 23.20 -18.32
C ILE E 79 1.17 24.60 -17.90
N ASN E 80 1.69 25.38 -18.86
CA ASN E 80 2.14 26.73 -18.53
C ASN E 80 2.10 27.61 -19.76
N PRO E 81 1.32 28.70 -19.75
CA PRO E 81 0.37 29.06 -18.69
C PRO E 81 -0.97 28.33 -18.78
N VAL E 82 -1.61 28.14 -17.63
CA VAL E 82 -2.94 27.55 -17.57
C VAL E 82 -3.95 28.50 -18.20
N GLU E 83 -4.87 27.95 -18.99
CA GLU E 83 -5.94 28.75 -19.59
C GLU E 83 -7.30 28.19 -19.20
N ALA E 84 -8.35 28.94 -19.54
CA ALA E 84 -9.71 28.58 -19.13
C ALA E 84 -10.19 27.31 -19.81
N ASP E 85 -9.83 27.10 -21.08
CA ASP E 85 -10.30 25.96 -21.85
C ASP E 85 -9.50 24.68 -21.58
N ASP E 86 -8.69 24.66 -20.54
CA ASP E 86 -7.95 23.50 -20.08
C ASP E 86 -8.74 22.64 -19.08
N VAL E 87 -10.02 22.94 -18.87
CA VAL E 87 -10.88 22.32 -17.86
C VAL E 87 -10.94 20.78 -17.94
N ALA E 88 -10.32 20.19 -18.96
CA ALA E 88 -10.41 18.75 -19.22
C ALA E 88 -9.91 17.87 -18.06
N THR E 89 -10.13 16.57 -18.23
CA THR E 89 -9.47 15.51 -17.47
C THR E 89 -8.27 15.00 -18.24
N TYR E 90 -7.17 14.74 -17.54
CA TYR E 90 -5.90 14.37 -18.18
C TYR E 90 -5.51 12.96 -17.81
N TYR E 91 -5.09 12.18 -18.81
CA TYR E 91 -4.69 10.79 -18.60
C TYR E 91 -3.30 10.55 -19.20
N CYS E 92 -2.46 9.84 -18.47
CA CYS E 92 -1.19 9.39 -19.02
C CYS E 92 -1.34 7.98 -19.59
N GLN E 93 -0.58 7.68 -20.63
CA GLN E 93 -0.73 6.38 -21.26
C GLN E 93 0.62 5.78 -21.58
N GLN E 94 0.85 4.55 -21.13
CA GLN E 94 2.06 3.80 -21.41
C GLN E 94 1.74 2.73 -22.45
N THR E 95 2.57 2.66 -23.48
CA THR E 95 2.34 1.68 -24.52
C THR E 95 3.61 0.90 -24.83
N ASN E 96 3.42 -0.37 -25.17
CA ASN E 96 4.47 -1.27 -25.64
C ASN E 96 3.80 -2.14 -26.69
N GLU E 97 4.61 -2.96 -27.39
CA GLU E 97 4.02 -3.79 -28.44
C GLU E 97 2.93 -4.71 -27.91
N VAL E 98 2.97 -5.07 -26.63
CA VAL E 98 1.99 -6.01 -26.11
C VAL E 98 0.76 -5.30 -25.54
N MET E 99 0.89 -4.20 -24.80
CA MET E 99 -0.33 -3.60 -24.26
C MET E 99 -0.23 -2.09 -24.16
N TYR E 100 -1.40 -1.45 -24.11
CA TYR E 100 -1.56 -0.03 -23.80
C TYR E 100 -2.21 0.08 -22.43
N THR E 101 -1.81 1.08 -21.63
CA THR E 101 -2.43 1.30 -20.33
C THR E 101 -2.59 2.79 -20.06
N PHE E 102 -3.68 3.13 -19.39
CA PHE E 102 -3.96 4.50 -18.97
C PHE E 102 -3.85 4.66 -17.46
N GLY E 103 -3.54 5.87 -17.03
CA GLY E 103 -3.69 6.26 -15.66
C GLY E 103 -5.14 6.50 -15.27
N GLY E 104 -5.34 6.77 -13.98
CA GLY E 104 -6.66 7.04 -13.43
C GLY E 104 -7.21 8.38 -13.83
N GLY E 105 -6.37 9.27 -14.35
CA GLY E 105 -6.88 10.56 -14.73
C GLY E 105 -6.66 11.60 -13.65
N THR E 106 -6.47 12.84 -14.08
CA THR E 106 -6.41 13.97 -13.16
C THR E 106 -7.42 15.01 -13.64
N LYS E 107 -8.45 15.25 -12.84
CA LYS E 107 -9.44 16.24 -13.19
C LYS E 107 -8.92 17.64 -12.85
N LEU E 108 -8.92 18.53 -13.83
CA LEU E 108 -8.37 19.87 -13.67
C LEU E 108 -9.50 20.85 -13.38
N GLU E 109 -9.38 21.57 -12.26
CA GLU E 109 -10.29 22.65 -11.92
C GLU E 109 -9.64 23.99 -12.29
N ILE E 110 -10.47 25.02 -12.37
CA ILE E 110 -9.98 26.38 -12.56
C ILE E 110 -10.46 27.21 -11.38
N LYS E 111 -9.55 27.97 -10.77
CA LYS E 111 -9.93 28.95 -9.76
C LYS E 111 -10.23 30.29 -10.42
N ARG E 112 -11.39 30.87 -10.09
CA ARG E 112 -11.74 32.21 -10.54
C ARG E 112 -12.39 32.96 -9.38
N ALA E 113 -12.64 34.25 -9.61
CA ALA E 113 -13.37 35.05 -8.64
C ALA E 113 -14.81 34.58 -8.51
N ASP E 114 -15.37 34.76 -7.31
CA ASP E 114 -16.77 34.39 -7.05
C ASP E 114 -17.72 35.05 -8.04
N ALA E 115 -18.85 34.38 -8.30
CA ALA E 115 -19.87 34.87 -9.21
C ALA E 115 -21.24 34.47 -8.71
N ALA E 116 -22.25 35.25 -9.11
CA ALA E 116 -23.58 35.00 -8.58
C ALA E 116 -24.48 34.30 -9.60
N PRO E 117 -25.35 33.41 -9.14
CA PRO E 117 -26.25 32.67 -10.04
C PRO E 117 -27.36 33.56 -10.57
N THR E 118 -27.76 33.35 -11.83
CA THR E 118 -28.90 34.11 -12.39
C THR E 118 -30.24 33.57 -11.87
N VAL E 119 -30.30 32.30 -11.52
CA VAL E 119 -31.46 31.66 -10.90
C VAL E 119 -32.79 32.00 -11.57
N SER E 120 -32.96 31.71 -12.85
CA SER E 120 -34.30 31.81 -13.42
C SER E 120 -35.12 30.60 -12.99
N ILE E 121 -36.45 30.79 -12.92
CA ILE E 121 -37.37 29.76 -12.43
C ILE E 121 -38.56 29.64 -13.38
N PHE E 122 -39.01 28.40 -13.62
CA PHE E 122 -40.08 28.13 -14.58
C PHE E 122 -41.15 27.21 -14.03
N PRO E 123 -42.41 27.55 -14.26
CA PRO E 123 -43.51 26.73 -13.73
C PRO E 123 -43.88 25.61 -14.68
N PRO E 124 -44.61 24.59 -14.18
CA PRO E 124 -45.05 23.48 -15.06
C PRO E 124 -45.84 23.99 -16.25
N SER E 125 -45.66 23.34 -17.40
CA SER E 125 -46.35 23.71 -18.63
C SER E 125 -47.70 22.99 -18.74
N SER E 126 -48.57 23.57 -19.57
CA SER E 126 -49.86 22.94 -19.85
C SER E 126 -49.68 21.56 -20.48
N GLU E 127 -48.69 21.41 -21.37
CA GLU E 127 -48.42 20.11 -21.96
C GLU E 127 -48.25 19.05 -20.89
N GLN E 128 -47.35 19.31 -19.94
CA GLN E 128 -47.07 18.32 -18.90
C GLN E 128 -48.26 18.16 -17.96
N LEU E 129 -49.02 19.25 -17.75
CA LEU E 129 -50.20 19.19 -16.89
C LEU E 129 -51.31 18.33 -17.51
N THR E 130 -51.51 18.40 -18.83
CA THR E 130 -52.43 17.44 -19.46
C THR E 130 -52.01 16.00 -19.19
N SER E 131 -50.71 15.71 -19.28
CA SER E 131 -50.22 14.36 -19.01
C SER E 131 -50.60 13.88 -17.63
N GLY E 132 -50.62 14.79 -16.65
CA GLY E 132 -50.93 14.44 -15.28
C GLY E 132 -49.76 14.48 -14.31
N GLY E 133 -48.64 15.11 -14.68
CA GLY E 133 -47.57 15.38 -13.74
C GLY E 133 -47.20 16.85 -13.77
N ALA E 134 -46.40 17.28 -12.78
CA ALA E 134 -46.01 18.68 -12.66
C ALA E 134 -44.56 18.75 -12.22
N SER E 135 -43.72 19.42 -13.00
CA SER E 135 -42.29 19.56 -12.73
C SER E 135 -41.91 21.04 -12.70
N VAL E 136 -41.33 21.47 -11.59
CA VAL E 136 -40.84 22.84 -11.42
C VAL E 136 -39.32 22.83 -11.52
N VAL E 137 -38.79 23.65 -12.42
CA VAL E 137 -37.38 23.62 -12.81
C VAL E 137 -36.70 24.92 -12.40
N CYS E 138 -35.45 24.82 -11.95
CA CYS E 138 -34.68 25.97 -11.51
C CYS E 138 -33.29 25.96 -12.15
N PHE E 139 -32.97 26.99 -12.93
CA PHE E 139 -31.64 27.15 -13.50
C PHE E 139 -30.88 28.16 -12.65
N LEU E 140 -29.69 27.78 -12.22
CA LEU E 140 -28.79 28.67 -11.50
C LEU E 140 -27.50 28.70 -12.31
N ASN E 141 -27.42 29.63 -13.25
CA ASN E 141 -26.39 29.57 -14.28
C ASN E 141 -25.23 30.50 -13.95
N ASN E 142 -24.03 30.06 -14.31
CA ASN E 142 -22.83 30.89 -14.23
C ASN E 142 -22.56 31.36 -12.81
N PHE E 143 -22.55 30.41 -11.88
CA PHE E 143 -22.23 30.68 -10.49
C PHE E 143 -20.87 30.06 -10.18
N TYR E 144 -20.30 30.51 -9.06
CA TYR E 144 -19.06 29.95 -8.56
C TYR E 144 -19.06 29.94 -7.03
N LYS E 146 -18.96 25.68 -7.05
CA LYS E 146 -19.76 24.48 -7.36
C LYS E 146 -20.57 24.06 -6.13
N ASP E 147 -19.99 24.27 -4.95
CA ASP E 147 -20.57 23.79 -3.70
C ASP E 147 -21.89 24.46 -3.30
N ILE E 148 -22.43 25.40 -4.09
CA ILE E 148 -23.66 26.11 -3.71
C ILE E 148 -24.83 25.15 -3.51
N ASN E 149 -25.69 25.48 -2.55
CA ASN E 149 -26.88 24.71 -2.17
C ASN E 149 -28.18 25.36 -2.65
N VAL E 150 -29.22 24.52 -2.76
CA VAL E 150 -30.57 24.90 -3.20
C VAL E 150 -31.61 24.41 -2.18
N LYS E 151 -32.69 25.17 -2.02
CA LYS E 151 -33.74 24.85 -1.06
C LYS E 151 -35.11 24.87 -1.72
N TRP E 152 -35.95 23.90 -1.33
CA TRP E 152 -37.35 23.84 -1.73
C TRP E 152 -38.21 24.66 -0.76
N LYS E 153 -39.26 25.28 -1.29
CA LYS E 153 -40.34 25.88 -0.49
C LYS E 153 -41.48 26.34 -1.38
N GLN E 160 -40.00 18.66 1.45
CA GLN E 160 -39.78 17.33 1.96
C GLN E 160 -39.68 16.41 0.75
N ASN E 161 -40.22 16.92 -0.35
CA ASN E 161 -40.47 16.12 -1.54
C ASN E 161 -39.18 15.74 -2.25
N GLY E 162 -39.35 15.10 -3.40
CA GLY E 162 -38.26 14.61 -4.22
C GLY E 162 -37.71 15.65 -5.16
N VAL E 163 -36.43 15.97 -4.97
CA VAL E 163 -35.74 17.01 -5.72
C VAL E 163 -34.59 16.36 -6.49
N LEU E 164 -34.41 16.76 -7.74
CA LEU E 164 -33.37 16.20 -8.60
C LEU E 164 -32.45 17.34 -9.04
N ASN E 165 -31.17 17.25 -8.66
CA ASN E 165 -30.17 18.25 -8.98
C ASN E 165 -29.17 17.73 -10.01
N SER E 166 -28.65 18.64 -10.84
CA SER E 166 -27.74 18.25 -11.91
C SER E 166 -26.77 19.40 -12.16
N TRP E 167 -25.47 19.15 -11.97
CA TRP E 167 -24.47 20.20 -12.20
C TRP E 167 -23.74 19.96 -13.51
N THR E 168 -23.49 21.03 -14.27
CA THR E 168 -22.64 20.89 -15.44
C THR E 168 -21.17 20.97 -15.04
N ASP E 169 -20.31 20.75 -16.02
CA ASP E 169 -18.88 20.91 -15.81
C ASP E 169 -18.49 22.37 -15.87
N GLN E 170 -17.30 22.65 -15.34
CA GLN E 170 -16.74 23.99 -15.40
C GLN E 170 -16.74 24.47 -16.84
N ASP E 171 -17.20 25.70 -17.03
CA ASP E 171 -17.29 26.28 -18.36
C ASP E 171 -15.89 26.53 -18.95
N SER E 172 -15.79 26.38 -20.27
CA SER E 172 -14.51 26.50 -20.96
C SER E 172 -14.08 27.95 -21.21
N LYS E 173 -15.01 28.92 -21.18
CA LYS E 173 -14.72 30.32 -21.47
C LYS E 173 -14.61 31.18 -20.22
N ASP E 174 -15.59 31.07 -19.32
CA ASP E 174 -15.63 31.91 -18.13
C ASP E 174 -15.38 31.15 -16.82
N SER E 175 -15.17 29.83 -16.89
CA SER E 175 -14.85 29.02 -15.71
C SER E 175 -15.98 28.98 -14.68
N THR E 176 -17.24 29.20 -15.08
CA THR E 176 -18.34 29.17 -14.12
C THR E 176 -19.14 27.88 -14.23
N TYR E 177 -19.69 27.46 -13.10
CA TYR E 177 -20.55 26.31 -13.04
C TYR E 177 -22.01 26.73 -13.17
N SER E 178 -22.84 25.79 -13.60
CA SER E 178 -24.28 25.97 -13.65
C SER E 178 -24.96 24.76 -13.05
N MET E 179 -26.26 24.89 -12.79
CA MET E 179 -26.96 23.83 -12.13
C MET E 179 -28.43 23.91 -12.48
N SER E 180 -29.11 22.76 -12.47
CA SER E 180 -30.54 22.68 -12.69
C SER E 180 -31.12 21.80 -11.59
N SER E 181 -32.00 22.38 -10.80
CA SER E 181 -32.72 21.64 -9.77
C SER E 181 -34.17 21.50 -10.22
N THR E 182 -34.74 20.32 -10.00
CA THR E 182 -36.07 20.01 -10.51
C THR E 182 -36.89 19.41 -9.37
N LEU E 183 -38.02 20.04 -9.09
CA LEU E 183 -38.95 19.57 -8.08
C LEU E 183 -40.05 18.84 -8.84
N THR E 184 -40.20 17.56 -8.57
CA THR E 184 -41.16 16.74 -9.31
C THR E 184 -42.33 16.46 -8.38
N LEU E 185 -43.52 16.90 -8.78
CA LEU E 185 -44.72 16.74 -7.99
C LEU E 185 -45.80 16.10 -8.84
N THR E 186 -46.75 15.46 -8.16
CA THR E 186 -47.92 14.96 -8.85
C THR E 186 -48.65 16.14 -9.44
N LYS E 187 -49.42 15.91 -10.50
CA LYS E 187 -50.30 16.99 -10.91
C LYS E 187 -51.12 17.34 -9.68
N ASP E 188 -51.69 16.32 -9.04
CA ASP E 188 -52.61 16.46 -7.89
C ASP E 188 -51.98 16.97 -6.60
N GLU E 189 -50.67 17.16 -6.48
CA GLU E 189 -50.22 17.92 -5.33
C GLU E 189 -49.81 19.34 -5.72
N TYR E 190 -49.59 19.59 -7.00
CA TYR E 190 -49.32 20.92 -7.51
C TYR E 190 -50.53 21.85 -7.33
N GLU E 191 -51.74 21.27 -7.24
CA GLU E 191 -52.99 22.04 -7.19
C GLU E 191 -53.03 22.94 -5.98
N ARG E 192 -52.69 22.40 -4.81
CA ARG E 192 -52.49 23.18 -3.60
C ARG E 192 -51.33 24.14 -3.81
N HIS E 193 -51.60 25.26 -4.46
CA HIS E 193 -50.56 26.01 -5.18
C HIS E 193 -49.51 26.60 -4.23
N ASN E 194 -49.94 27.33 -3.21
CA ASN E 194 -48.99 27.97 -2.27
C ASN E 194 -47.98 28.76 -3.10
N SER E 195 -46.67 28.57 -2.89
CA SER E 195 -45.63 29.32 -3.58
C SER E 195 -44.42 28.43 -3.77
N TYR E 196 -43.66 28.69 -4.83
CA TYR E 196 -42.47 27.91 -5.13
C TYR E 196 -41.23 28.80 -5.18
N THR E 197 -40.19 28.44 -4.42
CA THR E 197 -39.01 29.29 -4.28
C THR E 197 -37.70 28.52 -4.33
N CYS E 198 -36.68 29.15 -4.93
CA CYS E 198 -35.34 28.60 -5.10
C CYS E 198 -34.27 29.39 -4.34
N GLU E 199 -33.45 28.68 -3.56
CA GLU E 199 -32.37 29.32 -2.78
C GLU E 199 -31.43 30.11 -3.69
N LYS E 211 -36.38 33.30 -5.70
CA LYS E 211 -37.26 33.43 -6.87
C LYS E 211 -38.56 32.71 -6.61
N SER E 212 -39.68 33.31 -7.02
CA SER E 212 -40.99 32.81 -6.60
C SER E 212 -41.88 32.57 -7.80
N PHE E 213 -42.80 31.63 -7.62
CA PHE E 213 -43.78 31.32 -8.64
C PHE E 213 -45.10 31.06 -7.94
N ASN E 214 -46.14 31.73 -8.41
CA ASN E 214 -47.47 31.58 -7.85
C ASN E 214 -48.46 31.39 -8.97
N ARG E 215 -49.54 30.68 -8.67
CA ARG E 215 -50.70 30.62 -9.54
C ARG E 215 -51.98 30.28 -8.77
N GLU F 1 -3.93 14.44 -41.69
CA GLU F 1 -4.37 13.57 -40.61
C GLU F 1 -5.61 12.77 -41.01
N ILE F 2 -5.87 11.69 -40.31
CA ILE F 2 -6.97 10.78 -40.63
C ILE F 2 -8.20 11.17 -39.82
N GLN F 3 -9.39 10.94 -40.38
CA GLN F 3 -10.63 11.17 -39.64
C GLN F 3 -11.40 9.88 -39.43
N LEU F 4 -12.09 9.79 -38.29
CA LEU F 4 -12.73 8.55 -37.88
C LEU F 4 -14.20 8.79 -37.54
N GLN F 5 -15.11 8.03 -38.16
CA GLN F 5 -16.53 8.17 -37.84
C GLN F 5 -17.04 6.85 -37.26
N GLN F 6 -17.46 6.90 -36.01
CA GLN F 6 -18.00 5.74 -35.33
C GLN F 6 -19.50 5.62 -35.57
N SER F 7 -19.99 4.38 -35.51
CA SER F 7 -21.41 4.11 -35.64
C SER F 7 -22.16 4.65 -34.42
N GLY F 8 -23.49 4.69 -34.56
CA GLY F 8 -24.34 5.37 -33.59
C GLY F 8 -24.57 4.56 -32.32
N PRO F 9 -25.26 5.20 -31.36
CA PRO F 9 -25.56 4.54 -30.09
C PRO F 9 -26.49 3.36 -30.28
N GLU F 10 -26.37 2.38 -29.38
CA GLU F 10 -27.19 1.18 -29.48
C GLU F 10 -27.68 0.76 -28.11
N LEU F 11 -28.93 0.35 -28.05
CA LEU F 11 -29.50 -0.34 -26.90
C LEU F 11 -29.66 -1.80 -27.33
N VAL F 12 -29.10 -2.73 -26.55
CA VAL F 12 -29.11 -4.14 -26.94
C VAL F 12 -29.51 -4.97 -25.73
N LYS F 13 -30.24 -6.07 -25.97
CA LYS F 13 -30.60 -6.92 -24.85
C LYS F 13 -29.38 -7.70 -24.38
N PRO F 14 -29.29 -7.97 -23.08
CA PRO F 14 -28.16 -8.73 -22.53
C PRO F 14 -28.12 -10.15 -23.06
N GLY F 15 -26.92 -10.67 -23.17
CA GLY F 15 -26.75 -12.02 -23.69
C GLY F 15 -26.63 -12.09 -25.20
N THR F 16 -26.73 -10.96 -25.90
CA THR F 16 -26.57 -10.92 -27.34
C THR F 16 -25.22 -10.34 -27.71
N SER F 17 -25.06 -10.06 -29.00
CA SER F 17 -23.83 -9.57 -29.56
C SER F 17 -24.07 -8.22 -30.22
N VAL F 18 -23.05 -7.39 -30.22
CA VAL F 18 -23.15 -6.09 -30.86
C VAL F 18 -21.89 -5.86 -31.69
N LYS F 19 -22.05 -5.08 -32.76
CA LYS F 19 -20.94 -4.69 -33.61
C LYS F 19 -20.88 -3.17 -33.66
N VAL F 20 -19.71 -2.60 -33.36
CA VAL F 20 -19.49 -1.17 -33.46
C VAL F 20 -18.47 -0.94 -34.59
N SER F 21 -18.69 0.09 -35.42
CA SER F 21 -17.86 0.29 -36.60
C SER F 21 -17.18 1.66 -36.60
N CYS F 22 -15.98 1.72 -37.22
CA CYS F 22 -15.15 2.93 -37.31
C CYS F 22 -14.71 3.16 -38.76
N LYS F 23 -15.23 4.19 -39.43
CA LYS F 23 -14.90 4.47 -40.82
C LYS F 23 -13.77 5.52 -40.86
N ALA F 24 -12.72 5.22 -41.59
CA ALA F 24 -11.53 6.07 -41.67
C ALA F 24 -11.49 6.82 -42.99
N SER F 25 -10.98 8.05 -42.96
CA SER F 25 -10.82 8.88 -44.15
C SER F 25 -9.51 9.64 -44.12
N GLY F 26 -8.91 9.84 -45.30
CA GLY F 26 -7.67 10.57 -45.46
C GLY F 26 -6.49 9.72 -45.90
N TYR F 27 -6.44 8.46 -45.49
CA TYR F 27 -5.27 7.64 -45.73
C TYR F 27 -5.71 6.18 -45.71
N ALA F 28 -4.88 5.34 -46.33
CA ALA F 28 -5.14 3.91 -46.30
C ALA F 28 -5.16 3.41 -44.86
N LEU F 29 -6.27 2.82 -44.45
CA LEU F 29 -6.35 2.17 -43.14
C LEU F 29 -5.11 1.33 -42.84
N THR F 30 -4.51 0.68 -43.84
CA THR F 30 -3.34 -0.15 -43.60
C THR F 30 -2.17 0.67 -43.01
N SER F 31 -2.16 1.99 -43.20
CA SER F 31 -1.09 2.84 -42.67
C SER F 31 -1.16 3.03 -41.16
N TYR F 32 -2.34 2.87 -40.57
CA TYR F 32 -2.56 3.06 -39.14
C TYR F 32 -2.67 1.76 -38.35
N THR F 33 -2.32 1.83 -37.07
CA THR F 33 -2.66 0.79 -36.11
C THR F 33 -3.95 1.22 -35.44
N MET F 34 -4.97 0.37 -35.49
CA MET F 34 -6.26 0.71 -34.91
C MET F 34 -6.38 0.07 -33.54
N TYR F 35 -6.88 0.84 -32.56
CA TYR F 35 -7.21 0.26 -31.26
C TYR F 35 -8.52 0.81 -30.73
N TRP F 36 -9.04 0.15 -29.70
CA TRP F 36 -10.33 0.47 -29.10
C TRP F 36 -10.19 0.63 -27.60
N VAL F 37 -11.01 1.52 -27.05
CA VAL F 37 -10.95 1.86 -25.64
C VAL F 37 -12.36 1.92 -25.10
N LYS F 38 -12.51 1.43 -23.87
CA LYS F 38 -13.77 1.47 -23.13
C LYS F 38 -13.69 2.53 -22.03
N GLN F 39 -14.76 3.31 -21.89
CA GLN F 39 -14.89 4.29 -20.81
C GLN F 39 -16.29 4.18 -20.25
N SER F 40 -16.38 3.69 -19.02
CA SER F 40 -17.64 3.61 -18.32
C SER F 40 -18.08 5.00 -17.90
N HIS F 41 -19.37 5.14 -17.56
CA HIS F 41 -19.95 6.46 -17.33
C HIS F 41 -19.06 7.31 -16.44
N GLY F 42 -18.50 6.73 -15.39
CA GLY F 42 -17.68 7.57 -14.53
C GLY F 42 -16.24 7.12 -14.37
N LYS F 43 -15.94 5.95 -14.90
CA LYS F 43 -14.62 5.37 -14.75
C LYS F 43 -13.63 6.01 -15.74
N SER F 44 -12.42 5.46 -15.74
CA SER F 44 -11.27 5.87 -16.54
C SER F 44 -11.27 5.09 -17.86
N LEU F 45 -10.28 5.41 -18.70
CA LEU F 45 -10.10 4.79 -20.00
C LEU F 45 -9.53 3.39 -19.89
N GLU F 46 -10.11 2.45 -20.62
CA GLU F 46 -9.74 1.04 -20.52
C GLU F 46 -9.39 0.53 -21.91
N TRP F 47 -8.16 0.06 -22.07
CA TRP F 47 -7.69 -0.41 -23.37
C TRP F 47 -8.22 -1.82 -23.66
N ILE F 48 -8.86 -1.97 -24.82
CA ILE F 48 -9.43 -3.25 -25.25
C ILE F 48 -8.43 -4.06 -26.09
N GLY F 49 -7.90 -3.46 -27.15
CA GLY F 49 -6.97 -4.18 -28.00
C GLY F 49 -6.59 -3.35 -29.20
N TYR F 50 -5.59 -3.84 -29.94
CA TYR F 50 -5.21 -3.16 -31.17
C TYR F 50 -5.19 -4.18 -32.31
N ILE F 51 -5.25 -3.70 -33.55
CA ILE F 51 -5.21 -4.59 -34.70
C ILE F 51 -4.38 -3.95 -35.82
N ASP F 52 -3.50 -4.75 -36.40
CA ASP F 52 -2.73 -4.37 -37.58
C ASP F 52 -3.56 -4.66 -38.82
N PRO F 53 -4.08 -3.65 -39.52
CA PRO F 53 -4.98 -3.93 -40.67
C PRO F 53 -4.30 -4.63 -41.85
N TYR F 54 -2.98 -4.54 -41.99
CA TYR F 54 -2.31 -5.13 -43.14
C TYR F 54 -2.36 -6.65 -43.09
N ASN F 55 -1.97 -7.24 -41.96
CA ASN F 55 -1.93 -8.69 -41.82
C ASN F 55 -3.03 -9.26 -40.94
N GLY F 56 -3.89 -8.42 -40.35
CA GLY F 56 -4.92 -8.88 -39.44
C GLY F 56 -4.42 -9.20 -38.03
N GLY F 57 -3.15 -8.98 -37.77
CA GLY F 57 -2.60 -9.31 -36.47
C GLY F 57 -3.29 -8.54 -35.36
N THR F 58 -3.31 -9.17 -34.20
CA THR F 58 -4.13 -8.65 -33.13
C THR F 58 -3.39 -8.82 -31.81
N SER F 59 -3.64 -7.88 -30.92
CA SER F 59 -3.14 -7.97 -29.56
C SER F 59 -4.23 -7.46 -28.63
N TYR F 60 -4.57 -8.21 -27.61
CA TYR F 60 -5.69 -7.87 -26.75
C TYR F 60 -5.28 -7.64 -25.30
N ASN F 61 -6.01 -6.75 -24.67
CA ASN F 61 -6.03 -6.72 -23.22
C ASN F 61 -6.56 -8.05 -22.71
N GLN F 62 -5.75 -8.70 -21.88
CA GLN F 62 -6.10 -10.01 -21.31
C GLN F 62 -7.50 -10.00 -20.70
N LYS F 63 -7.92 -8.88 -20.11
CA LYS F 63 -9.24 -8.75 -19.53
C LYS F 63 -10.36 -8.88 -20.56
N PHE F 64 -10.07 -8.65 -21.85
CA PHE F 64 -11.10 -8.70 -22.90
C PHE F 64 -10.91 -9.78 -23.96
N LYS F 65 -9.91 -10.64 -23.85
CA LYS F 65 -9.60 -11.54 -24.95
C LYS F 65 -10.85 -12.30 -25.43
N GLY F 66 -11.60 -12.88 -24.50
CA GLY F 66 -12.85 -13.53 -24.88
C GLY F 66 -13.96 -12.57 -25.28
N LYS F 67 -13.97 -11.35 -24.73
CA LYS F 67 -15.13 -10.47 -24.84
C LYS F 67 -15.22 -9.78 -26.19
N ALA F 68 -14.08 -9.36 -26.76
CA ALA F 68 -14.05 -8.47 -27.91
C ALA F 68 -13.25 -9.10 -29.05
N THR F 69 -13.69 -8.83 -30.26
CA THR F 69 -13.07 -9.34 -31.47
C THR F 69 -12.91 -8.17 -32.43
N LEU F 70 -11.68 -7.91 -32.86
CA LEU F 70 -11.37 -6.81 -33.78
C LEU F 70 -11.14 -7.37 -35.17
N THR F 71 -11.71 -6.68 -36.16
CA THR F 71 -11.53 -6.98 -37.57
C THR F 71 -11.46 -5.67 -38.35
N VAL F 72 -10.86 -5.74 -39.55
CA VAL F 72 -10.78 -4.60 -40.47
C VAL F 72 -11.25 -4.99 -41.87
N ASP F 73 -12.05 -4.12 -42.49
CA ASP F 73 -12.39 -4.24 -43.90
C ASP F 73 -11.56 -3.20 -44.64
N LYS F 74 -10.46 -3.64 -45.25
CA LYS F 74 -9.58 -2.72 -45.97
C LYS F 74 -10.32 -1.99 -47.07
N SER F 75 -11.17 -2.69 -47.81
CA SER F 75 -11.85 -2.08 -48.95
C SER F 75 -12.74 -0.92 -48.52
N SER F 76 -13.44 -1.06 -47.41
CA SER F 76 -14.34 -0.01 -46.96
C SER F 76 -13.68 0.89 -45.92
N SER F 77 -12.40 0.70 -45.64
CA SER F 77 -11.66 1.52 -44.69
C SER F 77 -12.40 1.62 -43.35
N THR F 78 -12.82 0.45 -42.86
CA THR F 78 -13.60 0.38 -41.63
C THR F 78 -12.99 -0.62 -40.66
N ALA F 79 -12.83 -0.19 -39.41
CA ALA F 79 -12.46 -1.09 -38.33
C ALA F 79 -13.72 -1.51 -37.59
N TYR F 80 -13.75 -2.73 -37.11
CA TYR F 80 -14.93 -3.22 -36.42
C TYR F 80 -14.54 -3.78 -35.06
N MET F 81 -15.43 -3.60 -34.09
CA MET F 81 -15.29 -4.24 -32.79
C MET F 81 -16.56 -5.01 -32.50
N HIS F 82 -16.44 -6.31 -32.28
CA HIS F 82 -17.58 -7.14 -31.90
C HIS F 82 -17.52 -7.40 -30.40
N LEU F 83 -18.63 -7.13 -29.70
CA LEU F 83 -18.76 -7.45 -28.28
C LEU F 83 -19.80 -8.56 -28.17
N ASN F 84 -19.41 -9.65 -27.52
CA ASN F 84 -20.25 -10.84 -27.49
C ASN F 84 -20.69 -11.15 -26.06
N SER F 85 -21.83 -11.83 -25.95
CA SER F 85 -22.37 -12.30 -24.67
C SER F 85 -22.49 -11.14 -23.68
N LEU F 86 -23.30 -10.16 -24.08
CA LEU F 86 -23.35 -8.88 -23.41
C LEU F 86 -24.03 -8.95 -22.04
N THR F 87 -23.43 -8.26 -21.07
CA THR F 87 -24.00 -8.04 -19.76
C THR F 87 -24.07 -6.54 -19.50
N SER F 88 -24.71 -6.16 -18.37
CA SER F 88 -24.87 -4.74 -18.07
C SER F 88 -23.53 -4.05 -17.89
N GLU F 89 -22.54 -4.77 -17.32
CA GLU F 89 -21.17 -4.28 -17.23
C GLU F 89 -20.59 -3.79 -18.55
N ASP F 90 -21.06 -4.29 -19.68
CA ASP F 90 -20.53 -3.78 -20.94
C ASP F 90 -21.13 -2.43 -21.32
N SER F 91 -22.13 -1.96 -20.61
CA SER F 91 -22.68 -0.64 -20.91
C SER F 91 -21.62 0.42 -20.69
N ALA F 92 -21.28 1.15 -21.75
CA ALA F 92 -20.21 2.14 -21.73
C ALA F 92 -20.13 2.91 -23.04
N VAL F 93 -19.24 3.91 -23.09
CA VAL F 93 -18.82 4.56 -24.32
C VAL F 93 -17.58 3.86 -24.83
N TYR F 94 -17.57 3.51 -26.11
CA TYR F 94 -16.46 2.79 -26.72
C TYR F 94 -15.82 3.67 -27.77
N TYR F 95 -14.50 3.80 -27.69
CA TYR F 95 -13.76 4.65 -28.60
C TYR F 95 -12.92 3.83 -29.56
N CYS F 96 -12.82 4.39 -30.75
CA CYS F 96 -11.99 3.92 -31.84
C CYS F 96 -10.85 4.89 -32.01
N ALA F 97 -9.63 4.39 -32.12
CA ALA F 97 -8.50 5.27 -32.31
C ALA F 97 -7.53 4.66 -33.30
N GLY F 98 -6.77 5.50 -33.97
CA GLY F 98 -5.78 5.06 -34.93
C GLY F 98 -4.52 5.90 -34.84
N TRP F 99 -3.37 5.26 -35.13
CA TRP F 99 -2.09 5.96 -34.98
C TRP F 99 -1.01 5.36 -35.87
N ASN F 100 0.00 6.18 -36.16
CA ASN F 100 1.29 5.75 -36.72
C ASN F 100 2.35 6.71 -36.19
N ARG F 101 3.55 6.67 -36.79
CA ARG F 101 4.61 7.58 -36.36
C ARG F 101 4.21 9.05 -36.54
N TYR F 102 3.36 9.36 -37.51
CA TYR F 102 3.07 10.75 -37.84
C TYR F 102 1.89 11.36 -37.07
N ASP F 103 0.86 10.58 -36.73
CA ASP F 103 -0.28 11.18 -36.03
C ASP F 103 -1.15 10.09 -35.39
N GLU F 104 -1.99 10.53 -34.45
CA GLU F 104 -3.01 9.72 -33.82
C GLU F 104 -4.33 10.47 -33.81
N ASP F 105 -5.43 9.77 -34.09
CA ASP F 105 -6.75 10.39 -34.05
C ASP F 105 -7.75 9.43 -33.44
N TRP F 106 -8.82 9.99 -32.86
CA TRP F 106 -9.87 9.23 -32.20
C TRP F 106 -11.23 9.54 -32.81
N GLY F 107 -12.11 8.52 -32.82
CA GLY F 107 -13.50 8.71 -33.19
C GLY F 107 -14.29 9.37 -32.08
N GLN F 108 -15.54 9.71 -32.40
CA GLN F 108 -16.35 10.49 -31.48
C GLN F 108 -16.87 9.67 -30.30
N GLY F 109 -16.92 8.37 -30.40
CA GLY F 109 -17.42 7.52 -29.35
C GLY F 109 -18.78 6.93 -29.71
N THR F 110 -19.05 5.75 -29.19
CA THR F 110 -20.34 5.11 -29.38
C THR F 110 -20.84 4.69 -28.02
N THR F 111 -22.04 5.11 -27.67
CA THR F 111 -22.58 4.77 -26.37
C THR F 111 -23.42 3.51 -26.49
N LEU F 112 -23.02 2.49 -25.74
CA LEU F 112 -23.71 1.22 -25.75
C LEU F 112 -24.39 1.00 -24.41
N THR F 113 -25.67 0.66 -24.46
CA THR F 113 -26.46 0.37 -23.27
C THR F 113 -26.96 -1.06 -23.41
N VAL F 114 -26.61 -1.90 -22.45
CA VAL F 114 -27.06 -3.28 -22.42
C VAL F 114 -28.13 -3.39 -21.35
N SER F 115 -29.38 -3.50 -21.77
CA SER F 115 -30.49 -3.53 -20.82
C SER F 115 -31.64 -4.34 -21.38
N SER F 116 -32.37 -4.98 -20.45
CA SER F 116 -33.59 -5.69 -20.79
C SER F 116 -34.75 -4.74 -21.07
N ALA F 117 -34.67 -3.50 -20.56
CA ALA F 117 -35.74 -2.51 -20.62
C ALA F 117 -36.00 -2.07 -22.06
N LYS F 118 -37.23 -1.60 -22.28
CA LYS F 118 -37.65 -1.17 -23.60
C LYS F 118 -37.34 0.30 -23.81
N THR F 119 -37.10 0.67 -25.07
CA THR F 119 -36.87 2.06 -25.41
C THR F 119 -38.12 2.88 -25.12
N THR F 120 -37.90 4.09 -24.59
CA THR F 120 -38.99 5.01 -24.32
C THR F 120 -38.57 6.40 -24.77
N PRO F 121 -39.35 7.03 -25.64
CA PRO F 121 -38.98 8.34 -26.13
C PRO F 121 -39.18 9.39 -25.05
N PRO F 122 -38.51 10.54 -25.17
CA PRO F 122 -38.74 11.59 -24.17
C PRO F 122 -39.99 12.37 -24.48
N SER F 123 -40.69 12.77 -23.41
CA SER F 123 -41.65 13.86 -23.50
C SER F 123 -40.88 15.16 -23.32
N VAL F 124 -40.98 16.07 -24.29
CA VAL F 124 -40.26 17.33 -24.26
C VAL F 124 -41.22 18.47 -23.95
N TYR F 125 -40.96 19.17 -22.85
CA TYR F 125 -41.82 20.25 -22.39
C TYR F 125 -41.15 21.61 -22.50
N PRO F 126 -41.80 22.59 -23.12
CA PRO F 126 -41.24 23.93 -23.19
C PRO F 126 -41.38 24.64 -21.86
N LEU F 127 -40.40 25.50 -21.55
CA LEU F 127 -40.37 26.26 -20.31
C LEU F 127 -40.40 27.74 -20.62
N ALA F 128 -41.52 28.40 -20.34
CA ALA F 128 -41.64 29.84 -20.55
C ALA F 128 -41.80 30.59 -19.23
N PRO F 129 -41.34 31.85 -19.16
CA PRO F 129 -41.41 32.78 -18.03
C PRO F 129 -42.84 33.23 -17.76
N GLN F 134 -41.67 38.70 -13.97
CA GLN F 134 -41.29 40.01 -14.48
C GLN F 134 -39.99 39.94 -15.26
N THR F 135 -39.90 40.72 -16.33
CA THR F 135 -38.77 40.68 -17.25
C THR F 135 -37.59 41.48 -16.70
N ASN F 136 -36.39 40.93 -16.90
CA ASN F 136 -35.13 41.53 -16.46
C ASN F 136 -34.41 42.17 -17.65
N SER F 137 -33.08 42.31 -17.54
CA SER F 137 -32.30 42.84 -18.65
C SER F 137 -32.33 41.88 -19.84
N MET F 138 -32.09 40.59 -19.58
CA MET F 138 -32.06 39.49 -20.57
C MET F 138 -32.99 38.38 -20.09
N VAL F 139 -33.43 37.53 -21.03
CA VAL F 139 -34.36 36.45 -20.72
C VAL F 139 -33.70 35.11 -21.03
N THR F 140 -33.91 34.16 -20.14
CA THR F 140 -33.35 32.81 -20.23
C THR F 140 -34.48 31.81 -20.38
N LEU F 141 -34.43 30.98 -21.43
CA LEU F 141 -35.46 29.97 -21.66
C LEU F 141 -34.88 28.56 -21.65
N GLY F 142 -35.77 27.60 -21.47
CA GLY F 142 -35.38 26.20 -21.45
C GLY F 142 -36.46 25.26 -21.93
N CYS F 143 -36.06 24.06 -22.31
CA CYS F 143 -37.05 23.01 -22.51
C CYS F 143 -36.57 21.80 -21.72
N LEU F 144 -37.54 20.99 -21.28
CA LEU F 144 -37.34 19.85 -20.40
C LEU F 144 -37.59 18.54 -21.15
N VAL F 145 -36.62 17.61 -21.08
CA VAL F 145 -36.74 16.29 -21.70
C VAL F 145 -36.91 15.27 -20.58
N LYS F 146 -37.99 14.48 -20.64
CA LYS F 146 -38.41 13.71 -19.49
C LYS F 146 -38.87 12.32 -19.87
N GLY F 147 -38.57 11.38 -18.98
CA GLY F 147 -39.03 10.02 -19.09
C GLY F 147 -38.55 9.29 -20.32
N TYR F 148 -37.26 9.38 -20.65
CA TYR F 148 -36.76 8.67 -21.82
C TYR F 148 -35.72 7.64 -21.44
N PHE F 149 -35.59 6.63 -22.29
CA PHE F 149 -34.63 5.58 -22.13
C PHE F 149 -34.31 4.97 -23.49
N PRO F 150 -33.04 4.72 -23.78
CA PRO F 150 -31.84 5.01 -22.99
C PRO F 150 -31.17 6.32 -23.34
N GLU F 151 -30.05 6.60 -22.69
CA GLU F 151 -29.22 7.69 -23.15
C GLU F 151 -28.55 7.27 -24.46
N PRO F 152 -28.17 8.22 -25.33
CA PRO F 152 -28.20 9.67 -25.18
C PRO F 152 -29.33 10.38 -25.91
N VAL F 153 -29.47 11.67 -25.63
CA VAL F 153 -30.34 12.58 -26.38
C VAL F 153 -29.48 13.77 -26.77
N THR F 154 -29.83 14.40 -27.88
CA THR F 154 -29.11 15.58 -28.36
C THR F 154 -30.07 16.76 -28.32
N VAL F 155 -29.71 17.79 -27.56
CA VAL F 155 -30.52 18.98 -27.44
C VAL F 155 -29.83 20.13 -28.15
N THR F 156 -30.53 20.75 -29.08
CA THR F 156 -30.08 21.96 -29.73
C THR F 156 -31.20 23.00 -29.66
N TRP F 157 -30.82 24.25 -29.88
CA TRP F 157 -31.78 25.35 -29.94
C TRP F 157 -31.72 25.98 -31.31
N ASN F 158 -32.88 26.11 -31.96
CA ASN F 158 -32.94 26.65 -33.31
C ASN F 158 -31.91 25.96 -34.20
N SER F 159 -31.96 24.63 -34.22
CA SER F 159 -30.99 23.80 -34.94
C SER F 159 -29.63 24.16 -34.36
N GLY F 160 -28.65 24.52 -35.16
CA GLY F 160 -27.38 24.95 -34.65
C GLY F 160 -27.24 26.43 -34.41
N SER F 161 -28.30 27.21 -34.64
CA SER F 161 -28.17 28.67 -34.61
C SER F 161 -27.84 29.21 -33.22
N LEU F 162 -28.40 28.64 -32.16
CA LEU F 162 -28.07 29.09 -30.81
C LEU F 162 -27.07 28.14 -30.18
N SER F 163 -25.84 28.61 -30.01
CA SER F 163 -24.79 27.87 -29.32
C SER F 163 -24.11 28.66 -28.20
N SER F 164 -24.11 30.00 -28.24
CA SER F 164 -23.29 30.77 -27.31
C SER F 164 -23.81 30.69 -25.88
N GLY F 165 -25.12 30.81 -25.69
CA GLY F 165 -25.67 30.88 -24.35
C GLY F 165 -26.51 29.71 -23.89
N VAL F 166 -26.20 28.50 -24.36
CA VAL F 166 -26.96 27.30 -24.05
C VAL F 166 -26.35 26.61 -22.84
N HIS F 167 -27.18 25.99 -22.00
CA HIS F 167 -26.69 25.12 -20.95
C HIS F 167 -27.53 23.85 -20.89
N THR F 168 -26.95 22.72 -21.25
CA THR F 168 -27.58 21.41 -21.12
C THR F 168 -26.89 20.61 -20.02
N PHE F 169 -27.64 20.12 -19.11
CA PHE F 169 -27.23 19.55 -17.84
C PHE F 169 -27.09 18.03 -17.95
N PRO F 170 -26.30 17.38 -17.11
CA PRO F 170 -26.26 15.91 -17.12
C PRO F 170 -27.62 15.32 -16.78
N ALA F 171 -28.01 14.29 -17.52
CA ALA F 171 -29.26 13.62 -17.23
C ALA F 171 -29.17 12.88 -15.89
N VAL F 172 -30.32 12.63 -15.30
CA VAL F 172 -30.42 11.85 -14.07
C VAL F 172 -31.51 10.80 -14.24
N LEU F 173 -31.34 9.68 -13.54
CA LEU F 173 -32.16 8.47 -13.72
C LEU F 173 -33.02 8.19 -12.51
N GLN F 174 -34.30 7.96 -12.74
CA GLN F 174 -35.27 7.53 -11.74
C GLN F 174 -36.22 6.52 -12.34
N SER F 175 -36.54 5.46 -11.59
CA SER F 175 -37.47 4.43 -12.04
C SER F 175 -37.18 4.00 -13.47
N ASP F 176 -35.89 3.91 -13.81
CA ASP F 176 -35.41 3.42 -15.09
C ASP F 176 -35.70 4.35 -16.26
N LEU F 177 -35.97 5.63 -16.02
CA LEU F 177 -36.17 6.61 -17.08
C LEU F 177 -35.26 7.78 -16.79
N TYR F 178 -34.72 8.37 -17.85
CA TYR F 178 -33.83 9.50 -17.71
C TYR F 178 -34.61 10.79 -17.87
N THR F 179 -34.14 11.83 -17.17
CA THR F 179 -34.74 13.15 -17.26
C THR F 179 -33.62 14.17 -17.32
N LEU F 180 -33.79 15.17 -18.20
CA LEU F 180 -32.80 16.21 -18.40
C LEU F 180 -33.52 17.50 -18.75
N SER F 181 -32.79 18.62 -18.66
CA SER F 181 -33.28 19.94 -19.04
C SER F 181 -32.13 20.74 -19.64
N SER F 182 -32.49 21.70 -20.50
CA SER F 182 -31.56 22.63 -21.13
C SER F 182 -32.14 24.03 -21.08
N SER F 183 -31.25 25.04 -21.03
CA SER F 183 -31.65 26.43 -20.94
C SER F 183 -30.84 27.28 -21.91
N VAL F 184 -31.46 28.35 -22.43
CA VAL F 184 -30.78 29.36 -23.23
C VAL F 184 -30.99 30.74 -22.63
N THR F 185 -29.93 31.55 -22.58
CA THR F 185 -30.01 32.96 -22.24
C THR F 185 -29.96 33.77 -23.54
N VAL F 186 -30.96 34.62 -23.78
CA VAL F 186 -30.95 35.44 -24.99
C VAL F 186 -31.24 36.89 -24.62
N PRO F 187 -30.87 37.83 -25.49
CA PRO F 187 -31.29 39.22 -25.26
C PRO F 187 -32.80 39.34 -25.24
N SER F 188 -33.29 40.19 -24.35
CA SER F 188 -34.73 40.38 -24.20
C SER F 188 -35.35 40.93 -25.47
N SER F 189 -34.58 41.67 -26.28
CA SER F 189 -35.09 42.17 -27.55
C SER F 189 -35.42 41.04 -28.52
N THR F 190 -34.56 40.00 -28.57
CA THR F 190 -34.75 38.94 -29.56
C THR F 190 -36.01 38.12 -29.32
N TRP F 191 -36.32 37.82 -28.07
CA TRP F 191 -37.52 37.02 -27.86
C TRP F 191 -38.58 37.86 -27.16
N PRO F 192 -39.87 37.71 -27.52
CA PRO F 192 -40.50 36.80 -28.48
C PRO F 192 -40.58 37.30 -29.93
N SER F 193 -39.89 38.39 -30.29
CA SER F 193 -39.96 38.90 -31.67
C SER F 193 -39.49 37.87 -32.68
N GLU F 194 -38.34 37.23 -32.43
CA GLU F 194 -37.84 36.17 -33.29
C GLU F 194 -38.04 34.84 -32.59
N THR F 195 -38.07 33.76 -33.37
CA THR F 195 -38.50 32.46 -32.87
C THR F 195 -37.34 31.71 -32.22
N VAL F 196 -37.62 31.09 -31.08
CA VAL F 196 -36.65 30.22 -30.42
C VAL F 196 -37.31 28.87 -30.19
N THR F 197 -36.79 27.84 -30.84
CA THR F 197 -37.29 26.50 -30.72
C THR F 197 -36.21 25.59 -30.17
N CYS F 198 -36.60 24.57 -29.41
CA CYS F 198 -35.64 23.61 -28.94
C CYS F 198 -35.87 22.29 -29.68
N ASN F 199 -34.78 21.72 -30.20
CA ASN F 199 -34.82 20.50 -31.00
C ASN F 199 -34.21 19.36 -30.20
N VAL F 200 -34.99 18.32 -29.96
CA VAL F 200 -34.55 17.18 -29.16
C VAL F 200 -34.48 15.95 -30.06
N ALA F 201 -33.35 15.24 -30.01
CA ALA F 201 -33.10 14.06 -30.82
C ALA F 201 -32.83 12.88 -29.91
N HIS F 202 -33.58 11.80 -30.08
CA HIS F 202 -33.44 10.56 -29.30
C HIS F 202 -33.20 9.39 -30.25
N PRO F 203 -31.94 9.03 -30.53
CA PRO F 203 -31.68 7.94 -31.49
C PRO F 203 -32.38 6.62 -31.18
N ALA F 204 -32.28 6.14 -29.94
CA ALA F 204 -32.78 4.81 -29.62
C ALA F 204 -34.25 4.63 -30.04
N SER F 205 -35.04 5.70 -29.97
CA SER F 205 -36.43 5.68 -30.42
C SER F 205 -36.64 6.26 -31.81
N SER F 206 -35.58 6.70 -32.49
CA SER F 206 -35.68 7.32 -33.82
C SER F 206 -36.72 8.43 -33.85
N THR F 207 -36.67 9.32 -32.86
CA THR F 207 -37.62 10.41 -32.77
C THR F 207 -36.90 11.74 -32.64
N LYS F 208 -37.40 12.75 -33.34
CA LYS F 208 -37.02 14.14 -33.11
C LYS F 208 -38.29 14.94 -32.77
N VAL F 209 -38.18 15.86 -31.81
CA VAL F 209 -39.31 16.68 -31.41
C VAL F 209 -38.82 18.12 -31.31
N ASP F 210 -39.62 19.02 -31.85
CA ASP F 210 -39.33 20.45 -31.80
C ASP F 210 -40.43 21.13 -31.02
N LYS F 211 -40.05 21.98 -30.06
CA LYS F 211 -40.99 22.70 -29.22
C LYS F 211 -40.65 24.18 -29.30
N LYS F 212 -41.58 24.96 -29.80
CA LYS F 212 -41.38 26.40 -29.86
C LYS F 212 -41.78 26.97 -28.51
N ILE F 213 -40.95 27.86 -27.97
CA ILE F 213 -41.20 28.46 -26.67
C ILE F 213 -42.10 29.68 -26.82
N VAL F 214 -43.23 29.68 -26.08
CA VAL F 214 -44.22 30.76 -26.09
C VAL F 214 -44.72 31.05 -24.67
N PRO F 215 -44.96 32.34 -24.25
CA PRO F 215 -45.38 32.66 -22.86
C PRO F 215 -46.79 32.21 -22.39
#